data_6JPW
#
_entry.id   6JPW
#
_cell.length_a   60.107
_cell.length_b   60.473
_cell.length_c   215.488
_cell.angle_alpha   90.00
_cell.angle_beta   90.00
_cell.angle_gamma   90.00
#
_symmetry.space_group_name_H-M   'P 21 21 21'
#
loop_
_entity.id
_entity.type
_entity.pdbx_description
1 polymer 'Serine protease subunit NS2B'
2 polymer 'NS3 protease'
3 polymer SER-C0F-GLY-LYS-ARG-LYS
4 water water
#
loop_
_entity_poly.entity_id
_entity_poly.type
_entity_poly.pdbx_seq_one_letter_code
_entity_poly.pdbx_strand_id
1 'polypeptide(L)' MTGKSVDMYIERAGDITWEKDAEVTGNSPRLDVALDESGDFSLVEEDGPPMRE A,C,E,G
2 'polypeptide(L)'
;GSGALWDVPAPKEVKKGETTDGVYRVMTRRLLGSTQVGVGVMQEGVFHTMWHVTKGAALRSGEGRLDPYWGDVKQDLVSY
CGPWKLDAAWDGLSEVQLLAVPPGERAKNIQTLPGIFKTKDGDIGAVALDYPAGTSGSPILDKCGRVIGLYGNGVVIKNG
SYVSAITQGKREEETPVE
;
B,D,F,H
3 'polypeptide(L)' S(C0F)GKRK J,K,L
#
loop_
_chem_comp.id
_chem_comp.type
_chem_comp.name
_chem_comp.formula
C0F non-polymer '(4~{R})-2-[4-[(2~{S})-2,3-bis(azanyl)-3-oxidanylidene-propyl]pyridin-2-yl]-4,5-dihydro-1,3-thiazole-4-carboxylic acid' 'C12 H14 N4 O3 S'
#
# COMPACT_ATOMS: atom_id res chain seq x y z
N ASP A 7 -36.06 16.73 -16.52
CA ASP A 7 -35.02 17.25 -17.41
C ASP A 7 -33.82 16.29 -17.51
N MET A 8 -33.75 15.57 -18.63
CA MET A 8 -32.60 14.72 -18.93
C MET A 8 -31.73 15.40 -19.97
N TYR A 9 -30.41 15.32 -19.78
CA TYR A 9 -29.46 15.92 -20.70
C TYR A 9 -28.26 15.00 -20.82
N ILE A 10 -27.47 15.22 -21.87
CA ILE A 10 -26.31 14.37 -22.12
C ILE A 10 -25.05 15.23 -22.08
N GLU A 11 -23.94 14.57 -21.78
CA GLU A 11 -22.64 15.23 -21.61
C GLU A 11 -21.56 14.30 -22.13
N ARG A 12 -20.74 14.77 -23.07
CA ARG A 12 -19.75 13.88 -23.69
C ARG A 12 -18.75 13.40 -22.63
N ALA A 13 -18.36 12.13 -22.71
CA ALA A 13 -17.45 11.55 -21.73
C ALA A 13 -16.22 10.86 -22.33
N GLY A 14 -16.13 10.71 -23.65
CA GLY A 14 -14.91 10.20 -24.23
C GLY A 14 -15.10 9.74 -25.67
N ASP A 15 -13.98 9.40 -26.29
CA ASP A 15 -13.95 8.73 -27.58
C ASP A 15 -14.35 7.28 -27.40
N ILE A 16 -14.79 6.67 -28.48
CA ILE A 16 -15.05 5.22 -28.51
C ILE A 16 -13.80 4.59 -29.11
N THR A 17 -12.98 4.01 -28.24
CA THR A 17 -11.65 3.51 -28.60
C THR A 17 -11.33 2.26 -27.79
N TRP A 18 -10.63 1.34 -28.42
CA TRP A 18 -10.03 0.21 -27.71
C TRP A 18 -8.73 0.68 -27.05
N GLU A 19 -8.50 0.24 -25.81
CA GLU A 19 -7.35 0.67 -25.03
C GLU A 19 -6.40 -0.49 -24.79
N LYS A 20 -5.14 -0.32 -25.22
CA LYS A 20 -4.14 -1.37 -25.06
C LYS A 20 -3.83 -1.65 -23.59
N ASP A 21 -4.03 -0.66 -22.71
CA ASP A 21 -3.68 -0.80 -21.30
C ASP A 21 -4.88 -1.07 -20.42
N ALA A 22 -5.99 -1.54 -20.99
CA ALA A 22 -7.15 -1.87 -20.18
C ALA A 22 -6.81 -2.98 -19.19
N GLU A 23 -7.36 -2.86 -17.98
CA GLU A 23 -7.32 -3.99 -17.08
C GLU A 23 -8.25 -5.09 -17.58
N VAL A 24 -7.93 -6.33 -17.21
CA VAL A 24 -8.67 -7.50 -17.65
C VAL A 24 -9.29 -8.14 -16.42
N THR A 25 -10.54 -8.59 -16.55
CA THR A 25 -11.21 -9.19 -15.40
C THR A 25 -12.53 -9.81 -15.87
N GLY A 26 -13.13 -10.59 -14.97
CA GLY A 26 -14.44 -11.17 -15.23
C GLY A 26 -14.38 -12.61 -15.71
N ASN A 27 -15.34 -13.41 -15.25
CA ASN A 27 -15.60 -14.78 -15.69
C ASN A 27 -16.31 -14.80 -17.04
N SER A 28 -16.55 -16.02 -17.56
CA SER A 28 -17.17 -16.24 -18.87
C SER A 28 -18.27 -17.28 -18.72
N PRO A 29 -19.29 -17.03 -17.91
CA PRO A 29 -20.25 -18.09 -17.62
C PRO A 29 -21.14 -18.40 -18.81
N ARG A 30 -21.60 -19.65 -18.90
CA ARG A 30 -22.56 -20.06 -19.90
C ARG A 30 -23.88 -20.34 -19.18
N LEU A 31 -24.92 -19.61 -19.55
CA LEU A 31 -26.19 -19.64 -18.83
C LEU A 31 -27.33 -19.83 -19.80
N ASP A 32 -28.28 -20.68 -19.43
CA ASP A 32 -29.57 -20.78 -20.11
C ASP A 32 -30.53 -19.73 -19.55
N VAL A 33 -31.09 -18.91 -20.45
CA VAL A 33 -31.99 -17.84 -20.03
C VAL A 33 -33.16 -17.74 -21.00
N ALA A 34 -34.20 -17.06 -20.53
CA ALA A 34 -35.36 -16.70 -21.34
C ALA A 34 -35.55 -15.19 -21.28
N LEU A 35 -36.10 -14.64 -22.34
CA LEU A 35 -36.37 -13.21 -22.48
C LEU A 35 -37.88 -13.03 -22.64
N ASP A 36 -38.50 -12.25 -21.75
CA ASP A 36 -39.94 -12.07 -21.85
C ASP A 36 -40.26 -10.77 -22.58
N GLU A 37 -41.56 -10.51 -22.74
CA GLU A 37 -41.98 -9.40 -23.58
C GLU A 37 -41.62 -8.04 -23.00
N SER A 38 -41.38 -7.96 -21.69
CA SER A 38 -40.92 -6.73 -21.07
C SER A 38 -39.42 -6.52 -21.22
N GLY A 39 -38.72 -7.38 -21.94
CA GLY A 39 -37.28 -7.26 -22.07
C GLY A 39 -36.50 -7.77 -20.87
N ASP A 40 -37.13 -8.53 -19.98
CA ASP A 40 -36.45 -9.03 -18.79
C ASP A 40 -35.94 -10.44 -19.06
N PHE A 41 -34.65 -10.66 -18.78
CA PHE A 41 -34.06 -11.99 -18.80
C PHE A 41 -34.37 -12.72 -17.49
N SER A 42 -34.60 -14.03 -17.58
CA SER A 42 -34.70 -14.87 -16.40
C SER A 42 -33.93 -16.15 -16.63
N LEU A 43 -33.46 -16.76 -15.54
CA LEU A 43 -32.68 -17.98 -15.63
C LEU A 43 -33.61 -19.15 -15.95
N VAL A 44 -33.15 -20.04 -16.82
CA VAL A 44 -33.83 -21.30 -17.06
C VAL A 44 -32.95 -22.45 -16.60
N GLU B 18 -25.90 19.29 -30.90
CA GLU B 18 -24.63 18.63 -30.63
C GLU B 18 -24.68 17.14 -30.95
N THR B 19 -23.87 16.71 -31.93
CA THR B 19 -23.92 15.33 -32.40
C THR B 19 -22.53 14.75 -32.64
N THR B 20 -21.51 15.24 -31.95
CA THR B 20 -20.15 14.74 -32.17
C THR B 20 -20.03 13.31 -31.67
N ASP B 21 -19.44 12.43 -32.49
CA ASP B 21 -19.33 11.02 -32.12
C ASP B 21 -18.66 10.88 -30.76
N GLY B 22 -19.11 9.91 -29.98
CA GLY B 22 -18.46 9.64 -28.71
C GLY B 22 -19.39 8.90 -27.77
N VAL B 23 -18.87 8.66 -26.57
CA VAL B 23 -19.68 8.12 -25.47
C VAL B 23 -20.10 9.28 -24.58
N TYR B 24 -21.35 9.25 -24.11
CA TYR B 24 -21.96 10.36 -23.36
C TYR B 24 -22.62 9.84 -22.08
N ARG B 25 -22.53 10.65 -21.03
CA ARG B 25 -23.34 10.43 -19.84
C ARG B 25 -24.77 10.89 -20.09
N VAL B 26 -25.74 10.16 -19.52
CA VAL B 26 -27.13 10.61 -19.51
C VAL B 26 -27.45 11.07 -18.11
N MET B 27 -27.72 12.36 -17.96
CA MET B 27 -27.94 12.98 -16.65
C MET B 27 -29.39 13.41 -16.50
N THR B 28 -29.85 13.44 -15.26
CA THR B 28 -31.19 13.92 -14.95
C THR B 28 -31.09 14.96 -13.85
N ARG B 29 -31.79 16.07 -14.04
CA ARG B 29 -31.89 17.10 -13.02
C ARG B 29 -33.27 16.99 -12.38
N ARG B 30 -33.31 16.68 -11.09
CA ARG B 30 -34.56 16.64 -10.35
C ARG B 30 -34.88 18.04 -9.87
N LEU B 31 -35.53 18.16 -8.72
CA LEU B 31 -35.71 19.48 -8.12
C LEU B 31 -34.44 19.97 -7.43
N LEU B 32 -33.55 19.05 -7.03
CA LEU B 32 -32.35 19.42 -6.28
C LEU B 32 -31.22 18.47 -6.69
N GLY B 33 -30.32 18.95 -7.52
CA GLY B 33 -29.12 18.17 -7.80
C GLY B 33 -29.28 17.26 -8.99
N SER B 34 -28.16 16.97 -9.65
CA SER B 34 -28.12 16.10 -10.81
C SER B 34 -27.56 14.74 -10.43
N THR B 35 -27.96 13.73 -11.18
CA THR B 35 -27.39 12.39 -11.05
C THR B 35 -27.26 11.79 -12.44
N GLN B 36 -26.40 10.79 -12.56
CA GLN B 36 -26.22 10.09 -13.82
C GLN B 36 -27.12 8.88 -13.82
N VAL B 37 -28.00 8.77 -14.83
CA VAL B 37 -28.90 7.63 -14.89
C VAL B 37 -28.44 6.61 -15.93
N GLY B 38 -27.50 6.96 -16.79
CA GLY B 38 -27.03 5.98 -17.76
C GLY B 38 -26.02 6.61 -18.69
N VAL B 39 -25.80 5.94 -19.82
CA VAL B 39 -24.74 6.25 -20.76
C VAL B 39 -25.30 5.99 -22.15
N GLY B 40 -24.69 6.58 -23.18
CA GLY B 40 -25.13 6.33 -24.54
C GLY B 40 -24.02 6.60 -25.52
N VAL B 41 -24.27 6.21 -26.78
CA VAL B 41 -23.30 6.31 -27.87
C VAL B 41 -23.88 7.21 -28.95
N MET B 42 -23.12 8.23 -29.35
CA MET B 42 -23.45 9.08 -30.47
C MET B 42 -22.62 8.58 -31.65
N GLN B 43 -23.29 8.19 -32.73
CA GLN B 43 -22.58 7.73 -33.90
C GLN B 43 -23.41 8.05 -35.13
N GLU B 44 -22.76 8.62 -36.15
CA GLU B 44 -23.44 8.93 -37.41
C GLU B 44 -24.66 9.81 -37.18
N GLY B 45 -24.56 10.74 -36.22
CA GLY B 45 -25.65 11.67 -35.96
C GLY B 45 -26.78 11.13 -35.11
N VAL B 46 -26.67 9.91 -34.60
CA VAL B 46 -27.76 9.27 -33.87
C VAL B 46 -27.27 8.93 -32.48
N PHE B 47 -28.11 9.19 -31.47
CA PHE B 47 -27.78 8.84 -30.08
C PHE B 47 -28.43 7.52 -29.71
N HIS B 48 -27.64 6.62 -29.12
CA HIS B 48 -28.06 5.24 -28.86
C HIS B 48 -27.99 4.97 -27.36
N THR B 49 -29.07 4.44 -26.78
CA THR B 49 -28.97 4.04 -25.38
C THR B 49 -29.98 2.93 -25.11
N MET B 50 -30.08 2.49 -23.86
CA MET B 50 -31.03 1.44 -23.52
C MET B 50 -32.36 2.07 -23.14
N TRP B 51 -33.46 1.43 -23.54
CA TRP B 51 -34.78 2.01 -23.29
C TRP B 51 -34.99 2.31 -21.82
N HIS B 52 -34.60 1.39 -20.94
CA HIS B 52 -34.92 1.62 -19.55
C HIS B 52 -34.17 2.81 -18.96
N VAL B 53 -33.14 3.33 -19.63
CA VAL B 53 -32.42 4.49 -19.13
C VAL B 53 -33.27 5.74 -19.28
N THR B 54 -33.90 5.93 -20.45
CA THR B 54 -34.69 7.12 -20.71
C THR B 54 -36.19 6.90 -20.77
N LYS B 55 -36.63 5.64 -20.93
CA LYS B 55 -38.02 5.32 -21.19
C LYS B 55 -38.58 6.16 -22.35
N GLY B 56 -37.74 6.49 -23.31
CA GLY B 56 -38.18 7.18 -24.51
C GLY B 56 -38.30 8.69 -24.38
N ALA B 57 -37.98 9.26 -23.22
CA ALA B 57 -38.13 10.70 -23.03
C ALA B 57 -37.14 11.47 -23.88
N ALA B 58 -37.52 12.69 -24.24
CA ALA B 58 -36.62 13.57 -24.99
C ALA B 58 -35.42 13.95 -24.15
N LEU B 59 -34.30 14.24 -24.82
CA LEU B 59 -33.06 14.58 -24.16
C LEU B 59 -32.61 15.96 -24.59
N ARG B 60 -31.97 16.68 -23.68
CA ARG B 60 -31.36 17.96 -24.01
C ARG B 60 -29.89 17.73 -24.32
N SER B 61 -29.40 18.40 -25.36
CA SER B 61 -27.99 18.35 -25.75
C SER B 61 -27.57 19.79 -26.00
N GLY B 62 -27.00 20.41 -24.96
CA GLY B 62 -26.70 21.83 -25.06
C GLY B 62 -27.98 22.63 -25.03
N GLU B 63 -28.13 23.53 -26.00
CA GLU B 63 -29.35 24.29 -26.18
C GLU B 63 -30.33 23.61 -27.13
N GLY B 64 -30.03 22.39 -27.57
CA GLY B 64 -30.86 21.68 -28.51
C GLY B 64 -31.58 20.51 -27.86
N ARG B 65 -32.56 19.97 -28.59
CA ARG B 65 -33.36 18.87 -28.11
C ARG B 65 -33.15 17.66 -29.01
N LEU B 66 -32.99 16.48 -28.41
CA LEU B 66 -32.93 15.21 -29.12
C LEU B 66 -34.26 14.49 -28.91
N ASP B 67 -34.95 14.20 -30.01
CA ASP B 67 -36.23 13.52 -29.91
C ASP B 67 -36.06 12.03 -30.22
N PRO B 68 -36.78 11.16 -29.53
CA PRO B 68 -36.67 9.72 -29.82
C PRO B 68 -37.15 9.47 -31.25
N TYR B 69 -36.56 8.47 -31.88
CA TYR B 69 -36.87 8.11 -33.25
C TYR B 69 -37.34 6.68 -33.39
N TRP B 70 -36.72 5.76 -32.64
CA TRP B 70 -37.06 4.34 -32.66
C TRP B 70 -36.82 3.78 -31.27
N GLY B 71 -37.64 2.81 -30.87
CA GLY B 71 -37.47 2.19 -29.56
C GLY B 71 -38.18 0.88 -29.51
N ASP B 72 -37.69 -0.02 -28.66
CA ASP B 72 -38.31 -1.34 -28.53
C ASP B 72 -37.99 -1.86 -27.13
N VAL B 73 -39.04 -2.03 -26.33
CA VAL B 73 -38.89 -2.42 -24.93
C VAL B 73 -38.30 -3.82 -24.82
N LYS B 74 -38.68 -4.72 -25.73
CA LYS B 74 -38.19 -6.09 -25.60
C LYS B 74 -36.68 -6.16 -25.83
N GLN B 75 -36.18 -5.44 -26.84
CA GLN B 75 -34.73 -5.33 -27.02
C GLN B 75 -34.11 -4.40 -25.99
N ASP B 76 -34.92 -3.59 -25.32
CA ASP B 76 -34.46 -2.61 -24.35
C ASP B 76 -33.51 -1.58 -24.96
N LEU B 77 -33.84 -1.09 -26.17
CA LEU B 77 -33.01 -0.12 -26.88
C LEU B 77 -33.83 1.05 -27.38
N VAL B 78 -33.18 2.19 -27.56
CA VAL B 78 -33.84 3.38 -28.08
C VAL B 78 -32.80 4.16 -28.87
N SER B 79 -33.24 4.83 -29.94
CA SER B 79 -32.36 5.71 -30.69
C SER B 79 -33.01 7.08 -30.88
N TYR B 80 -32.18 8.10 -30.92
CA TYR B 80 -32.59 9.50 -31.04
C TYR B 80 -32.04 10.10 -32.32
N CYS B 81 -32.88 10.88 -33.01
CA CYS B 81 -32.52 11.66 -34.20
C CYS B 81 -32.41 10.83 -35.46
N GLY B 82 -32.59 9.51 -35.40
CA GLY B 82 -32.44 8.68 -36.57
C GLY B 82 -32.53 7.22 -36.18
N PRO B 83 -32.53 6.32 -37.18
CA PRO B 83 -32.63 4.89 -36.88
C PRO B 83 -31.34 4.37 -36.25
N TRP B 84 -31.44 3.20 -35.63
CA TRP B 84 -30.29 2.56 -34.98
C TRP B 84 -29.17 2.33 -35.97
N LYS B 85 -27.96 2.80 -35.64
CA LYS B 85 -26.83 2.74 -36.57
C LYS B 85 -25.77 1.70 -36.21
N LEU B 86 -25.80 1.15 -35.00
CA LEU B 86 -24.75 0.25 -34.56
C LEU B 86 -25.07 -1.18 -35.01
N ASP B 87 -24.21 -1.75 -35.84
CA ASP B 87 -24.53 -3.06 -36.38
C ASP B 87 -23.46 -4.13 -36.18
N ALA B 88 -22.33 -3.80 -35.56
CA ALA B 88 -21.31 -4.82 -35.35
C ALA B 88 -21.77 -5.80 -34.27
N ALA B 89 -21.27 -7.03 -34.37
CA ALA B 89 -21.66 -8.12 -33.47
C ALA B 89 -20.40 -8.82 -32.96
N TRP B 90 -20.50 -9.40 -31.78
CA TRP B 90 -19.41 -10.18 -31.22
C TRP B 90 -19.10 -11.37 -32.13
N ASP B 91 -17.82 -11.64 -32.36
CA ASP B 91 -17.46 -12.75 -33.23
C ASP B 91 -17.54 -14.10 -32.52
N GLY B 92 -17.91 -14.11 -31.23
CA GLY B 92 -18.09 -15.35 -30.49
C GLY B 92 -16.83 -16.00 -29.99
N LEU B 93 -15.67 -15.39 -30.19
CA LEU B 93 -14.40 -16.01 -29.86
C LEU B 93 -13.45 -15.07 -29.13
N SER B 94 -13.46 -13.79 -29.46
CA SER B 94 -12.44 -12.84 -29.02
C SER B 94 -12.85 -12.14 -27.72
N GLU B 95 -11.85 -11.60 -27.04
CA GLU B 95 -12.10 -10.70 -25.92
C GLU B 95 -12.70 -9.39 -26.42
N VAL B 96 -13.41 -8.70 -25.52
CA VAL B 96 -14.04 -7.42 -25.83
C VAL B 96 -13.69 -6.44 -24.72
N GLN B 97 -14.06 -5.18 -24.92
CA GLN B 97 -13.87 -4.18 -23.87
C GLN B 97 -15.19 -3.49 -23.55
N LEU B 98 -15.55 -3.48 -22.28
CA LEU B 98 -16.58 -2.59 -21.79
C LEU B 98 -15.98 -1.20 -21.62
N LEU B 99 -16.48 -0.22 -22.36
CA LEU B 99 -16.08 1.16 -22.14
C LEU B 99 -17.06 1.73 -21.12
N ALA B 100 -16.78 1.47 -19.85
CA ALA B 100 -17.67 1.89 -18.77
C ALA B 100 -17.51 3.38 -18.50
N VAL B 101 -18.63 4.06 -18.29
CA VAL B 101 -18.63 5.45 -17.86
C VAL B 101 -19.31 5.52 -16.51
N PRO B 102 -18.58 5.29 -15.41
CA PRO B 102 -19.22 5.28 -14.09
C PRO B 102 -19.60 6.69 -13.68
N PRO B 103 -20.68 6.86 -12.94
CA PRO B 103 -20.99 8.17 -12.38
C PRO B 103 -19.79 8.73 -11.62
N GLY B 104 -19.47 9.99 -11.88
CA GLY B 104 -18.44 10.64 -11.10
C GLY B 104 -17.02 10.28 -11.46
N GLU B 105 -16.80 9.52 -12.54
CA GLU B 105 -15.45 9.05 -12.86
C GLU B 105 -15.20 9.15 -14.36
N ARG B 106 -13.92 9.20 -14.73
CA ARG B 106 -13.63 9.21 -16.15
C ARG B 106 -13.93 7.85 -16.77
N ALA B 107 -14.25 7.85 -18.06
CA ALA B 107 -14.48 6.62 -18.79
C ALA B 107 -13.27 5.70 -18.67
N LYS B 108 -13.52 4.40 -18.61
CA LYS B 108 -12.42 3.45 -18.52
C LYS B 108 -12.78 2.16 -19.25
N ASN B 109 -11.75 1.50 -19.79
CA ASN B 109 -11.93 0.27 -20.55
C ASN B 109 -11.66 -0.94 -19.68
N ILE B 110 -12.59 -1.88 -19.67
CA ILE B 110 -12.45 -3.13 -18.93
CA ILE B 110 -12.45 -3.13 -18.93
C ILE B 110 -12.52 -4.25 -19.96
N GLN B 111 -11.43 -5.00 -20.10
CA GLN B 111 -11.35 -6.08 -21.06
C GLN B 111 -11.79 -7.38 -20.41
N THR B 112 -12.56 -8.18 -21.15
CA THR B 112 -13.09 -9.44 -20.62
C THR B 112 -13.39 -10.37 -21.79
N LEU B 113 -13.44 -11.67 -21.48
CA LEU B 113 -13.95 -12.67 -22.42
C LEU B 113 -15.42 -12.90 -22.14
N PRO B 114 -16.33 -12.63 -23.07
CA PRO B 114 -17.76 -12.81 -22.77
C PRO B 114 -18.10 -14.26 -22.50
N GLY B 115 -19.07 -14.46 -21.62
CA GLY B 115 -19.80 -15.70 -21.52
C GLY B 115 -20.92 -15.67 -22.55
N ILE B 116 -21.93 -16.50 -22.32
CA ILE B 116 -23.00 -16.69 -23.30
C ILE B 116 -24.34 -16.90 -22.57
N PHE B 117 -25.35 -16.14 -22.99
CA PHE B 117 -26.75 -16.43 -22.68
C PHE B 117 -27.27 -17.38 -23.75
N LYS B 118 -27.71 -18.57 -23.35
CA LYS B 118 -28.27 -19.53 -24.30
C LYS B 118 -29.79 -19.44 -24.23
N THR B 119 -30.42 -19.11 -25.36
CA THR B 119 -31.86 -18.94 -25.41
C THR B 119 -32.45 -19.86 -26.49
N LYS B 120 -33.77 -20.03 -26.44
CA LYS B 120 -34.44 -20.85 -27.44
C LYS B 120 -34.25 -20.31 -28.85
N ASP B 121 -33.96 -19.02 -28.99
CA ASP B 121 -33.75 -18.38 -30.29
C ASP B 121 -32.29 -18.10 -30.59
N GLY B 122 -31.37 -18.79 -29.92
CA GLY B 122 -29.95 -18.66 -30.20
C GLY B 122 -29.19 -18.01 -29.05
N ASP B 123 -27.87 -17.98 -29.22
CA ASP B 123 -26.95 -17.52 -28.19
C ASP B 123 -26.73 -16.01 -28.28
N ILE B 124 -26.47 -15.41 -27.11
CA ILE B 124 -26.18 -14.00 -26.97
C ILE B 124 -24.94 -13.89 -26.09
N GLY B 125 -23.94 -13.15 -26.54
CA GLY B 125 -22.78 -12.90 -25.70
C GLY B 125 -23.19 -12.15 -24.45
N ALA B 126 -22.40 -12.33 -23.38
CA ALA B 126 -22.73 -11.73 -22.09
C ALA B 126 -21.44 -11.45 -21.35
N VAL B 127 -21.40 -10.34 -20.61
CA VAL B 127 -20.21 -9.99 -19.84
C VAL B 127 -20.56 -10.03 -18.37
N ALA B 128 -19.73 -10.75 -17.60
CA ALA B 128 -19.90 -10.90 -16.16
C ALA B 128 -19.12 -9.81 -15.44
N LEU B 129 -19.57 -8.58 -15.69
CA LEU B 129 -19.01 -7.36 -15.09
C LEU B 129 -20.14 -6.61 -14.41
N ASP B 130 -19.88 -6.07 -13.21
CA ASP B 130 -20.94 -5.56 -12.32
C ASP B 130 -20.58 -4.14 -11.90
N TYR B 131 -20.96 -3.15 -12.73
CA TYR B 131 -20.64 -1.75 -12.47
C TYR B 131 -21.87 -1.02 -11.96
N PRO B 132 -21.71 0.19 -11.39
CA PRO B 132 -22.86 0.89 -10.80
C PRO B 132 -23.98 1.13 -11.81
N ALA B 133 -25.19 1.28 -11.30
CA ALA B 133 -26.38 1.27 -12.15
C ALA B 133 -26.33 2.36 -13.23
N GLY B 134 -25.80 3.53 -12.90
CA GLY B 134 -25.74 4.63 -13.85
C GLY B 134 -24.81 4.37 -15.03
N THR B 135 -24.25 3.16 -15.11
CA THR B 135 -23.40 2.75 -16.22
CA THR B 135 -23.41 2.78 -16.24
C THR B 135 -24.20 2.11 -17.35
N SER B 136 -25.50 1.87 -17.16
CA SER B 136 -26.30 1.22 -18.20
C SER B 136 -26.26 2.04 -19.48
N GLY B 137 -26.11 1.35 -20.62
CA GLY B 137 -25.91 2.01 -21.90
C GLY B 137 -24.45 2.16 -22.30
N SER B 138 -23.53 1.80 -21.40
CA SER B 138 -22.12 1.85 -21.75
C SER B 138 -21.83 0.89 -22.90
N PRO B 139 -21.05 1.29 -23.89
CA PRO B 139 -20.79 0.44 -25.05
C PRO B 139 -19.76 -0.65 -24.78
N ILE B 140 -19.98 -1.79 -25.43
CA ILE B 140 -19.03 -2.88 -25.48
C ILE B 140 -18.38 -2.89 -26.86
N LEU B 141 -17.06 -3.02 -26.90
CA LEU B 141 -16.28 -2.78 -28.12
C LEU B 141 -15.55 -4.04 -28.58
N ASP B 142 -15.43 -4.21 -29.90
CA ASP B 142 -14.54 -5.24 -30.39
C ASP B 142 -13.15 -4.64 -30.58
N LYS B 143 -12.19 -5.48 -30.96
CA LYS B 143 -10.80 -5.06 -31.04
C LYS B 143 -10.54 -4.01 -32.11
N CYS B 144 -11.47 -3.78 -33.04
CA CYS B 144 -11.37 -2.69 -33.98
C CYS B 144 -12.06 -1.42 -33.47
N GLY B 145 -12.53 -1.42 -32.23
CA GLY B 145 -13.23 -0.25 -31.70
C GLY B 145 -14.68 -0.11 -32.13
N ARG B 146 -15.25 -1.11 -32.78
CA ARG B 146 -16.65 -1.04 -33.16
C ARG B 146 -17.53 -1.38 -31.98
N VAL B 147 -18.66 -0.70 -31.87
CA VAL B 147 -19.59 -0.98 -30.79
C VAL B 147 -20.39 -2.23 -31.16
N ILE B 148 -20.23 -3.30 -30.39
CA ILE B 148 -20.95 -4.54 -30.65
C ILE B 148 -22.18 -4.70 -29.75
N GLY B 149 -22.44 -3.76 -28.86
CA GLY B 149 -23.65 -3.79 -28.07
C GLY B 149 -23.49 -2.86 -26.88
N LEU B 150 -24.56 -2.78 -26.09
CA LEU B 150 -24.62 -1.92 -24.92
C LEU B 150 -24.82 -2.78 -23.67
N TYR B 151 -24.26 -2.27 -22.57
CA TYR B 151 -24.22 -2.95 -21.27
C TYR B 151 -25.41 -2.54 -20.42
N GLY B 152 -25.98 -3.49 -19.69
CA GLY B 152 -26.91 -3.12 -18.62
C GLY B 152 -28.27 -3.79 -18.55
N ASN B 153 -28.55 -4.74 -19.43
CA ASN B 153 -29.72 -5.59 -19.29
C ASN B 153 -29.23 -7.02 -19.14
N GLY B 154 -29.58 -7.65 -18.02
CA GLY B 154 -29.10 -8.99 -17.77
C GLY B 154 -29.76 -9.72 -16.62
N VAL B 155 -28.99 -10.58 -15.95
CA VAL B 155 -29.49 -11.47 -14.91
C VAL B 155 -28.50 -11.44 -13.75
N VAL B 156 -28.96 -11.89 -12.60
CA VAL B 156 -28.10 -12.15 -11.45
C VAL B 156 -28.07 -13.65 -11.22
N ILE B 157 -26.88 -14.22 -11.03
CA ILE B 157 -26.81 -15.68 -10.94
C ILE B 157 -26.68 -16.16 -9.50
N LYS B 158 -25.61 -15.77 -8.81
CA LYS B 158 -25.28 -16.35 -7.49
C LYS B 158 -25.95 -15.59 -6.36
N ASN B 159 -25.17 -14.85 -5.58
CA ASN B 159 -25.73 -13.88 -4.65
C ASN B 159 -25.88 -12.53 -5.35
N GLY B 160 -24.80 -11.76 -5.45
CA GLY B 160 -24.87 -10.49 -6.14
C GLY B 160 -24.18 -10.43 -7.49
N SER B 161 -23.91 -11.60 -8.11
CA SER B 161 -23.12 -11.63 -9.34
C SER B 161 -23.98 -11.30 -10.56
N TYR B 162 -23.91 -10.05 -11.01
CA TYR B 162 -24.61 -9.60 -12.21
C TYR B 162 -23.89 -10.04 -13.49
N VAL B 163 -24.67 -10.43 -14.51
CA VAL B 163 -24.15 -10.73 -15.83
C VAL B 163 -25.02 -10.00 -16.84
N SER B 164 -24.39 -9.20 -17.71
CA SER B 164 -25.11 -8.36 -18.66
C SER B 164 -25.14 -9.03 -20.04
N ALA B 165 -26.29 -8.98 -20.71
CA ALA B 165 -26.26 -9.29 -22.13
C ALA B 165 -25.42 -8.25 -22.85
N ILE B 166 -24.79 -8.64 -23.96
CA ILE B 166 -24.26 -7.70 -24.94
C ILE B 166 -25.43 -7.39 -25.86
N THR B 167 -26.15 -6.30 -25.60
CA THR B 167 -27.40 -6.01 -26.31
C THR B 167 -27.12 -5.16 -27.55
N GLN B 168 -27.46 -5.68 -28.72
CA GLN B 168 -27.23 -5.00 -29.99
C GLN B 168 -28.53 -4.93 -30.76
N GLY B 169 -28.71 -3.85 -31.48
CA GLY B 169 -29.89 -3.61 -32.28
C GLY B 169 -29.72 -4.10 -33.69
N LYS B 170 -30.46 -3.50 -34.62
CA LYS B 170 -30.45 -3.91 -36.02
C LYS B 170 -30.39 -2.66 -36.88
N ARG B 171 -29.35 -2.56 -37.71
CA ARG B 171 -29.16 -1.40 -38.56
C ARG B 171 -29.83 -1.59 -39.90
N ASP C 7 -3.07 22.90 -1.46
CA ASP C 7 -3.77 22.84 -0.18
C ASP C 7 -5.19 22.28 -0.34
N MET C 8 -5.77 21.83 0.76
CA MET C 8 -7.12 21.28 0.80
C MET C 8 -7.95 22.07 1.80
N TYR C 9 -9.27 22.09 1.59
CA TYR C 9 -10.20 22.70 2.53
C TYR C 9 -11.44 21.82 2.64
N ILE C 10 -12.24 22.07 3.67
CA ILE C 10 -13.46 21.29 3.89
C ILE C 10 -14.68 22.17 3.64
N GLU C 11 -15.75 21.55 3.18
CA GLU C 11 -17.03 22.21 2.90
C GLU C 11 -18.16 21.37 3.45
N ARG C 12 -19.10 22.01 4.15
CA ARG C 12 -20.20 21.25 4.72
C ARG C 12 -20.98 20.55 3.61
N ALA C 13 -21.41 19.32 3.87
CA ALA C 13 -22.23 18.57 2.92
C ALA C 13 -23.56 18.09 3.49
N GLY C 14 -23.76 18.12 4.80
CA GLY C 14 -25.08 17.85 5.32
C GLY C 14 -25.03 17.40 6.77
N ASP C 15 -26.22 17.17 7.31
CA ASP C 15 -26.35 16.59 8.64
C ASP C 15 -26.16 15.08 8.54
N ILE C 16 -25.84 14.47 9.67
CA ILE C 16 -25.70 13.02 9.73
C ILE C 16 -26.97 12.46 10.36
N THR C 17 -27.78 11.77 9.59
CA THR C 17 -29.01 11.19 10.12
C THR C 17 -29.37 9.95 9.34
N TRP C 18 -30.08 9.06 10.00
CA TRP C 18 -30.72 7.92 9.34
C TRP C 18 -31.93 8.41 8.54
N GLU C 19 -32.03 7.97 7.29
CA GLU C 19 -33.15 8.33 6.43
C GLU C 19 -34.13 7.16 6.35
N LYS C 20 -35.36 7.39 6.83
CA LYS C 20 -36.34 6.31 6.90
C LYS C 20 -36.77 5.83 5.51
N ASP C 21 -36.67 6.67 4.49
CA ASP C 21 -37.16 6.31 3.17
C ASP C 21 -36.05 5.93 2.21
N ALA C 22 -34.92 5.46 2.72
CA ALA C 22 -33.75 5.22 1.87
C ALA C 22 -33.92 3.94 1.04
N GLU C 23 -33.41 3.97 -0.18
CA GLU C 23 -33.36 2.77 -0.99
C GLU C 23 -32.41 1.77 -0.34
N VAL C 24 -32.73 0.49 -0.53
CA VAL C 24 -31.91 -0.62 -0.05
C VAL C 24 -31.24 -1.27 -1.26
N THR C 25 -29.96 -1.62 -1.13
CA THR C 25 -29.25 -2.22 -2.25
C THR C 25 -27.99 -2.91 -1.74
N GLY C 26 -27.38 -3.68 -2.64
CA GLY C 26 -26.13 -4.38 -2.35
C GLY C 26 -26.36 -5.74 -1.73
N ASN C 27 -25.42 -6.66 -1.99
CA ASN C 27 -25.45 -7.96 -1.35
C ASN C 27 -24.57 -7.90 -0.09
N SER C 28 -24.21 -9.07 0.47
CA SER C 28 -23.56 -9.16 1.78
C SER C 28 -22.46 -10.19 1.72
N PRO C 29 -21.40 -9.92 0.97
CA PRO C 29 -20.41 -10.96 0.70
C PRO C 29 -19.57 -11.27 1.93
N ARG C 30 -19.17 -12.52 2.04
CA ARG C 30 -18.22 -12.95 3.06
C ARG C 30 -16.92 -13.26 2.33
N LEU C 31 -15.89 -12.45 2.56
CA LEU C 31 -14.63 -12.55 1.81
C LEU C 31 -13.46 -12.76 2.76
N ASP C 32 -12.54 -13.65 2.39
CA ASP C 32 -11.27 -13.81 3.11
C ASP C 32 -10.27 -12.78 2.61
N VAL C 33 -9.75 -11.94 3.51
CA VAL C 33 -8.85 -10.86 3.12
C VAL C 33 -7.68 -10.80 4.09
N ALA C 34 -6.60 -10.15 3.64
CA ALA C 34 -5.47 -9.82 4.48
C ALA C 34 -5.26 -8.30 4.42
N LEU C 35 -4.73 -7.74 5.50
CA LEU C 35 -4.43 -6.31 5.60
C LEU C 35 -2.93 -6.17 5.75
N ASP C 36 -2.28 -5.46 4.82
CA ASP C 36 -0.84 -5.32 4.91
C ASP C 36 -0.47 -4.08 5.72
N GLU C 37 0.83 -3.88 5.94
CA GLU C 37 1.27 -2.80 6.83
C GLU C 37 0.96 -1.42 6.26
N SER C 38 0.79 -1.30 4.95
CA SER C 38 0.38 -0.05 4.34
C SER C 38 -1.12 0.21 4.46
N GLY C 39 -1.87 -0.64 5.15
CA GLY C 39 -3.30 -0.45 5.26
C GLY C 39 -4.10 -0.89 4.04
N ASP C 40 -3.48 -1.66 3.14
CA ASP C 40 -4.17 -2.18 1.95
C ASP C 40 -4.74 -3.57 2.19
N PHE C 41 -6.00 -3.76 1.80
CA PHE C 41 -6.65 -5.06 1.81
C PHE C 41 -6.34 -5.82 0.52
N SER C 42 -6.25 -7.15 0.62
CA SER C 42 -6.16 -8.01 -0.55
C SER C 42 -6.98 -9.27 -0.32
N LEU C 43 -7.41 -9.89 -1.41
CA LEU C 43 -8.18 -11.12 -1.32
C LEU C 43 -7.24 -12.30 -1.14
N VAL C 44 -7.55 -13.18 -0.18
CA VAL C 44 -6.73 -14.37 0.05
C VAL C 44 -7.27 -15.56 -0.73
N GLU D 13 -25.62 33.07 15.70
CA GLU D 13 -24.21 32.81 15.43
C GLU D 13 -23.72 31.66 16.29
N VAL D 14 -22.63 31.89 17.02
CA VAL D 14 -21.99 30.84 17.82
C VAL D 14 -22.10 31.24 19.28
N LYS D 15 -23.00 30.59 20.00
CA LYS D 15 -22.93 30.56 21.45
C LYS D 15 -21.75 29.73 21.91
N LYS D 16 -21.36 29.91 23.16
CA LYS D 16 -20.24 29.13 23.69
C LYS D 16 -20.64 27.65 23.66
N GLY D 17 -19.77 26.82 23.08
CA GLY D 17 -20.02 25.41 22.95
C GLY D 17 -20.75 25.00 21.70
N GLU D 18 -21.28 25.96 20.93
CA GLU D 18 -22.04 25.63 19.72
C GLU D 18 -21.08 25.32 18.56
N THR D 19 -20.62 24.07 18.52
CA THR D 19 -19.82 23.56 17.40
C THR D 19 -20.69 22.59 16.59
N THR D 20 -20.82 22.87 15.29
CA THR D 20 -21.77 22.15 14.45
C THR D 20 -21.13 20.89 13.85
N ASP D 21 -21.69 19.74 14.20
CA ASP D 21 -21.30 18.48 13.60
C ASP D 21 -21.91 18.34 12.21
N GLY D 22 -21.39 17.38 11.45
CA GLY D 22 -21.96 17.08 10.17
C GLY D 22 -20.96 16.38 9.27
N VAL D 23 -21.36 16.18 8.04
CA VAL D 23 -20.52 15.56 7.05
C VAL D 23 -20.02 16.64 6.12
N TYR D 24 -18.76 16.53 5.69
CA TYR D 24 -18.05 17.57 4.97
C TYR D 24 -17.32 16.95 3.78
N ARG D 25 -17.25 17.71 2.70
CA ARG D 25 -16.42 17.33 1.56
C ARG D 25 -14.99 17.82 1.80
N VAL D 26 -14.02 17.02 1.37
CA VAL D 26 -12.63 17.45 1.38
C VAL D 26 -12.28 17.83 -0.04
N MET D 27 -12.02 19.12 -0.24
CA MET D 27 -11.84 19.72 -1.57
C MET D 27 -10.39 20.16 -1.72
N THR D 28 -9.93 20.11 -2.96
CA THR D 28 -8.61 20.63 -3.27
C THR D 28 -8.74 22.05 -3.80
N ARG D 29 -7.66 22.81 -3.68
CA ARG D 29 -7.68 24.20 -4.11
C ARG D 29 -7.77 24.27 -5.63
N ARG D 30 -8.11 25.46 -6.15
CA ARG D 30 -8.28 25.59 -7.59
C ARG D 30 -7.01 25.20 -8.34
N LEU D 31 -5.84 25.45 -7.75
CA LEU D 31 -4.57 25.04 -8.38
C LEU D 31 -4.54 23.55 -8.68
N LEU D 32 -5.23 22.74 -7.88
CA LEU D 32 -5.31 21.30 -8.11
C LEU D 32 -6.59 20.89 -8.81
N GLY D 33 -7.40 21.85 -9.25
CA GLY D 33 -8.59 21.55 -10.01
C GLY D 33 -9.89 21.66 -9.25
N SER D 34 -9.86 22.12 -8.00
CA SER D 34 -11.10 22.27 -7.23
C SER D 34 -11.89 20.96 -7.26
N THR D 35 -11.21 19.87 -6.96
CA THR D 35 -11.78 18.54 -7.04
C THR D 35 -12.09 18.03 -5.65
N GLN D 36 -13.08 17.15 -5.56
CA GLN D 36 -13.37 16.49 -4.30
C GLN D 36 -12.49 15.26 -4.20
N VAL D 37 -11.64 15.21 -3.18
CA VAL D 37 -10.77 14.05 -2.99
C VAL D 37 -11.26 13.14 -1.88
N GLY D 38 -12.21 13.58 -1.07
CA GLY D 38 -12.77 12.71 -0.07
C GLY D 38 -13.81 13.41 0.76
N VAL D 39 -14.14 12.77 1.88
CA VAL D 39 -15.24 13.17 2.74
C VAL D 39 -14.77 12.98 4.18
N GLY D 40 -15.41 13.68 5.11
CA GLY D 40 -15.12 13.40 6.51
C GLY D 40 -16.27 13.82 7.40
N VAL D 41 -16.14 13.49 8.68
CA VAL D 41 -17.16 13.69 9.71
C VAL D 41 -16.62 14.67 10.74
N MET D 42 -17.36 15.73 11.00
CA MET D 42 -17.07 16.64 12.09
C MET D 42 -17.95 16.22 13.27
N GLN D 43 -17.33 15.83 14.38
CA GLN D 43 -18.10 15.43 15.54
C GLN D 43 -17.34 15.86 16.78
N GLU D 44 -18.02 16.59 17.66
CA GLU D 44 -17.41 17.00 18.92
C GLU D 44 -16.15 17.81 18.67
N GLY D 45 -16.19 18.65 17.64
CA GLY D 45 -15.07 19.52 17.31
C GLY D 45 -13.86 18.82 16.73
N VAL D 46 -13.97 17.55 16.32
CA VAL D 46 -12.88 16.83 15.69
C VAL D 46 -13.33 16.43 14.29
N PHE D 47 -12.43 16.58 13.32
CA PHE D 47 -12.69 16.17 11.95
C PHE D 47 -12.04 14.81 11.71
N HIS D 48 -12.83 13.85 11.27
CA HIS D 48 -12.41 12.46 11.05
C HIS D 48 -12.45 12.14 9.56
N THR D 49 -11.36 11.59 9.01
CA THR D 49 -11.42 11.08 7.64
C THR D 49 -10.45 9.92 7.51
N MET D 50 -10.29 9.42 6.28
CA MET D 50 -9.36 8.33 6.04
C MET D 50 -7.97 8.88 5.71
N TRP D 51 -6.93 8.19 6.18
CA TRP D 51 -5.58 8.68 5.98
C TRP D 51 -5.29 8.94 4.52
N HIS D 52 -5.71 8.04 3.63
CA HIS D 52 -5.33 8.16 2.23
C HIS D 52 -6.00 9.36 1.56
N VAL D 53 -7.05 9.93 2.16
CA VAL D 53 -7.66 11.12 1.59
C VAL D 53 -6.73 12.33 1.73
N THR D 54 -6.17 12.56 2.93
CA THR D 54 -5.35 13.75 3.16
C THR D 54 -3.86 13.44 3.23
N LYS D 55 -3.50 12.17 3.41
CA LYS D 55 -2.11 11.80 3.72
C LYS D 55 -1.57 12.61 4.90
N GLY D 56 -2.44 12.98 5.83
CA GLY D 56 -2.02 13.71 7.01
C GLY D 56 -1.70 15.17 6.81
N ALA D 57 -2.00 15.74 5.65
CA ALA D 57 -1.74 17.15 5.41
C ALA D 57 -2.74 18.01 6.18
N ALA D 58 -2.37 19.26 6.40
CA ALA D 58 -3.27 20.19 7.08
C ALA D 58 -4.38 20.65 6.15
N LEU D 59 -5.48 21.12 6.74
CA LEU D 59 -6.69 21.46 6.01
C LEU D 59 -7.14 22.86 6.38
N ARG D 60 -7.79 23.52 5.43
CA ARG D 60 -8.37 24.84 5.65
C ARG D 60 -9.86 24.70 5.95
N SER D 61 -10.35 25.60 6.81
CA SER D 61 -11.77 25.66 7.15
C SER D 61 -12.11 27.14 7.38
N GLY D 62 -12.76 27.75 6.40
CA GLY D 62 -13.10 29.16 6.53
C GLY D 62 -11.85 29.96 6.86
N GLU D 63 -11.94 30.77 7.92
CA GLU D 63 -10.76 31.48 8.39
C GLU D 63 -9.83 30.60 9.21
N GLY D 64 -10.36 29.52 9.81
CA GLY D 64 -9.54 28.65 10.62
C GLY D 64 -8.74 27.65 9.81
N ARG D 65 -7.78 27.03 10.48
CA ARG D 65 -6.93 25.99 9.91
C ARG D 65 -6.97 24.77 10.82
N LEU D 66 -7.02 23.58 10.22
CA LEU D 66 -7.10 22.31 10.97
C LEU D 66 -5.80 21.53 10.81
N ASP D 67 -5.14 21.20 11.97
CA ASP D 67 -3.92 20.41 11.90
C ASP D 67 -4.18 18.97 12.32
N PRO D 68 -3.45 18.00 11.75
CA PRO D 68 -3.68 16.61 12.14
C PRO D 68 -3.31 16.40 13.59
N TYR D 69 -4.07 15.56 14.26
CA TYR D 69 -3.88 15.28 15.67
C TYR D 69 -3.47 13.83 15.92
N TRP D 70 -4.08 12.90 15.19
CA TRP D 70 -3.78 11.50 15.34
C TRP D 70 -3.95 10.86 13.98
N GLY D 71 -3.12 9.86 13.67
CA GLY D 71 -3.34 9.13 12.43
C GLY D 71 -2.59 7.81 12.47
N ASP D 72 -3.03 6.89 11.62
CA ASP D 72 -2.42 5.56 11.58
C ASP D 72 -2.62 4.98 10.18
N VAL D 73 -1.52 4.76 9.47
CA VAL D 73 -1.62 4.34 8.08
C VAL D 73 -2.27 2.97 7.96
N LYS D 74 -2.00 2.08 8.91
CA LYS D 74 -2.50 0.71 8.78
C LYS D 74 -4.01 0.66 8.98
N GLN D 75 -4.52 1.45 9.92
CA GLN D 75 -5.97 1.61 10.05
C GLN D 75 -6.55 2.46 8.93
N ASP D 76 -5.70 3.25 8.24
CA ASP D 76 -6.13 4.20 7.22
C ASP D 76 -7.07 5.26 7.78
N LEU D 77 -6.75 5.83 8.96
CA LEU D 77 -7.59 6.85 9.58
C LEU D 77 -6.74 8.02 10.04
N VAL D 78 -7.37 9.19 10.14
CA VAL D 78 -6.69 10.37 10.67
C VAL D 78 -7.74 11.26 11.33
N SER D 79 -7.36 11.92 12.41
CA SER D 79 -8.26 12.91 13.02
C SER D 79 -7.56 14.26 13.11
N TYR D 80 -8.36 15.33 13.04
CA TYR D 80 -7.88 16.70 13.12
C TYR D 80 -8.49 17.42 14.32
N CYS D 81 -7.67 18.20 15.02
CA CYS D 81 -8.06 19.09 16.11
C CYS D 81 -8.30 18.36 17.42
N GLY D 82 -8.21 17.04 17.45
CA GLY D 82 -8.48 16.30 18.66
C GLY D 82 -8.40 14.82 18.38
N PRO D 83 -8.54 14.00 19.42
CA PRO D 83 -8.47 12.55 19.24
C PRO D 83 -9.75 12.00 18.62
N TRP D 84 -9.62 10.79 18.09
CA TRP D 84 -10.74 10.12 17.42
C TRP D 84 -11.92 10.01 18.37
N LYS D 85 -13.10 10.48 17.93
CA LYS D 85 -14.28 10.57 18.77
C LYS D 85 -15.32 9.51 18.48
N LEU D 86 -15.25 8.84 17.32
CA LEU D 86 -16.29 7.91 16.87
C LEU D 86 -16.01 6.53 17.43
N ASP D 87 -16.95 5.97 18.20
CA ASP D 87 -16.65 4.67 18.77
C ASP D 87 -17.81 3.69 18.68
N ALA D 88 -18.91 4.07 18.02
CA ALA D 88 -19.99 3.10 17.82
C ALA D 88 -19.53 2.00 16.86
N ALA D 89 -20.07 0.80 17.06
CA ALA D 89 -19.72 -0.36 16.25
C ALA D 89 -20.96 -0.98 15.62
N TRP D 90 -20.80 -1.52 14.40
CA TRP D 90 -21.85 -2.35 13.81
C TRP D 90 -22.21 -3.48 14.78
N ASP D 91 -23.50 -3.75 14.94
CA ASP D 91 -23.92 -4.80 15.85
C ASP D 91 -23.81 -6.19 15.22
N GLY D 92 -23.40 -6.29 13.96
CA GLY D 92 -23.24 -7.57 13.30
C GLY D 92 -24.50 -8.18 12.73
N LEU D 93 -25.63 -7.48 12.80
CA LEU D 93 -26.95 -8.08 12.57
C LEU D 93 -27.86 -7.15 11.77
N SER D 94 -27.78 -5.85 12.01
CA SER D 94 -28.73 -4.90 11.46
C SER D 94 -28.23 -4.31 10.15
N GLU D 95 -29.19 -3.84 9.33
CA GLU D 95 -28.81 -3.04 8.18
C GLU D 95 -28.23 -1.71 8.64
N VAL D 96 -27.43 -1.10 7.77
CA VAL D 96 -26.79 0.18 8.06
C VAL D 96 -27.08 1.10 6.87
N GLN D 97 -26.69 2.37 7.01
CA GLN D 97 -26.79 3.30 5.89
C GLN D 97 -25.43 3.92 5.58
N LEU D 98 -25.06 3.89 4.31
CA LEU D 98 -23.94 4.71 3.85
C LEU D 98 -24.48 6.10 3.56
N LEU D 99 -23.91 7.11 4.21
CA LEU D 99 -24.27 8.49 3.88
C LEU D 99 -23.26 8.93 2.83
N ALA D 100 -23.56 8.56 1.59
CA ALA D 100 -22.62 8.77 0.49
C ALA D 100 -22.61 10.25 0.09
N VAL D 101 -21.42 10.81 -0.06
CA VAL D 101 -21.24 12.21 -0.47
C VAL D 101 -20.44 12.19 -1.76
N PRO D 102 -21.05 11.93 -2.91
CA PRO D 102 -20.27 11.78 -4.15
C PRO D 102 -19.89 13.14 -4.69
N PRO D 103 -18.74 13.26 -5.35
CA PRO D 103 -18.38 14.54 -5.97
C PRO D 103 -19.47 15.01 -6.92
N GLY D 104 -19.81 16.29 -6.82
CA GLY D 104 -20.78 16.90 -7.72
C GLY D 104 -22.22 16.47 -7.50
N GLU D 105 -22.51 15.73 -6.44
CA GLU D 105 -23.86 15.26 -6.15
C GLU D 105 -24.22 15.55 -4.70
N ARG D 106 -25.52 15.71 -4.49
CA ARG D 106 -26.05 15.87 -3.14
C ARG D 106 -25.79 14.61 -2.33
N ALA D 107 -25.57 14.79 -1.02
CA ALA D 107 -25.45 13.67 -0.12
C ALA D 107 -26.70 12.79 -0.19
N LYS D 108 -26.52 11.48 -0.13
CA LYS D 108 -27.68 10.59 -0.14
C LYS D 108 -27.44 9.38 0.75
N ASN D 109 -28.51 8.88 1.37
CA ASN D 109 -28.42 7.70 2.21
C ASN D 109 -28.77 6.45 1.41
N ILE D 110 -27.97 5.41 1.60
CA ILE D 110 -28.18 4.13 0.93
CA ILE D 110 -28.17 4.12 0.93
C ILE D 110 -28.11 3.04 1.99
N GLN D 111 -29.13 2.22 2.06
CA GLN D 111 -29.24 1.21 3.12
C GLN D 111 -28.80 -0.15 2.57
N THR D 112 -28.10 -0.92 3.41
CA THR D 112 -27.57 -2.21 2.97
C THR D 112 -27.32 -3.06 4.20
N LEU D 113 -27.26 -4.38 3.98
CA LEU D 113 -26.78 -5.30 5.02
C LEU D 113 -25.30 -5.58 4.78
N PRO D 114 -24.40 -5.20 5.69
CA PRO D 114 -22.98 -5.48 5.48
C PRO D 114 -22.71 -6.97 5.35
N GLY D 115 -21.71 -7.29 4.53
CA GLY D 115 -21.07 -8.59 4.57
C GLY D 115 -19.93 -8.54 5.57
N ILE D 116 -18.94 -9.42 5.38
CA ILE D 116 -17.85 -9.59 6.33
C ILE D 116 -16.52 -9.73 5.58
N PHE D 117 -15.51 -8.97 6.02
CA PHE D 117 -14.11 -9.26 5.71
C PHE D 117 -13.58 -10.19 6.81
N LYS D 118 -13.14 -11.38 6.44
CA LYS D 118 -12.58 -12.32 7.40
C LYS D 118 -11.05 -12.23 7.32
N THR D 119 -10.42 -11.83 8.42
CA THR D 119 -8.97 -11.73 8.47
C THR D 119 -8.43 -12.66 9.55
N LYS D 120 -7.13 -12.92 9.50
CA LYS D 120 -6.50 -13.73 10.53
C LYS D 120 -6.68 -13.16 11.93
N ASP D 121 -7.09 -11.90 12.06
CA ASP D 121 -7.22 -11.22 13.34
C ASP D 121 -8.67 -10.93 13.72
N GLY D 122 -9.64 -11.51 13.01
CA GLY D 122 -11.03 -11.33 13.33
C GLY D 122 -11.81 -10.75 12.17
N ASP D 123 -13.12 -10.61 12.38
CA ASP D 123 -14.03 -10.20 11.33
C ASP D 123 -14.24 -8.69 11.36
N ILE D 124 -14.41 -8.12 10.17
CA ILE D 124 -14.70 -6.71 9.96
C ILE D 124 -15.94 -6.62 9.07
N GLY D 125 -16.93 -5.81 9.47
CA GLY D 125 -18.04 -5.55 8.57
C GLY D 125 -17.56 -4.90 7.29
N ALA D 126 -18.30 -5.13 6.20
CA ALA D 126 -17.92 -4.60 4.90
C ALA D 126 -19.19 -4.36 4.10
N VAL D 127 -19.23 -3.27 3.32
CA VAL D 127 -20.42 -2.97 2.53
C VAL D 127 -20.11 -3.11 1.05
N ALA D 128 -21.00 -3.79 0.33
CA ALA D 128 -20.88 -4.00 -1.11
C ALA D 128 -21.64 -2.87 -1.80
N LEU D 129 -21.07 -1.68 -1.71
CA LEU D 129 -21.60 -0.46 -2.32
C LEU D 129 -20.47 0.21 -3.10
N ASP D 130 -20.73 0.59 -4.35
CA ASP D 130 -19.66 0.99 -5.27
C ASP D 130 -19.92 2.44 -5.67
N TYR D 131 -19.30 3.38 -4.97
CA TYR D 131 -19.49 4.80 -5.22
C TYR D 131 -18.23 5.44 -5.78
N PRO D 132 -18.36 6.63 -6.37
CA PRO D 132 -17.26 7.19 -7.14
C PRO D 132 -16.01 7.43 -6.30
N ALA D 133 -14.87 7.33 -6.95
CA ALA D 133 -13.65 7.89 -6.37
C ALA D 133 -13.92 9.32 -5.86
N GLY D 134 -13.47 9.61 -4.65
CA GLY D 134 -13.75 10.88 -4.01
C GLY D 134 -14.75 10.78 -2.90
N THR D 135 -15.38 9.61 -2.74
CA THR D 135 -16.36 9.38 -1.71
CA THR D 135 -16.35 9.40 -1.69
C THR D 135 -15.72 8.79 -0.43
N SER D 136 -14.42 8.49 -0.46
CA SER D 136 -13.75 7.93 0.71
C SER D 136 -13.91 8.85 1.91
N GLY D 137 -14.22 8.26 3.07
CA GLY D 137 -14.49 9.03 4.27
C GLY D 137 -15.97 9.24 4.54
N SER D 138 -16.85 8.86 3.60
CA SER D 138 -18.29 8.99 3.84
C SER D 138 -18.68 8.11 5.02
N PRO D 139 -19.51 8.59 5.93
CA PRO D 139 -19.82 7.81 7.14
C PRO D 139 -20.87 6.71 6.89
N ILE D 140 -20.69 5.61 7.61
CA ILE D 140 -21.66 4.53 7.66
C ILE D 140 -22.34 4.63 9.01
N LEU D 141 -23.68 4.53 9.02
CA LEU D 141 -24.49 4.84 10.19
C LEU D 141 -25.30 3.63 10.63
N ASP D 142 -25.49 3.51 11.95
CA ASP D 142 -26.49 2.56 12.46
C ASP D 142 -27.85 3.27 12.59
N LYS D 143 -28.86 2.50 13.02
CA LYS D 143 -30.23 3.03 13.03
C LYS D 143 -30.44 4.17 14.01
N CYS D 144 -29.55 4.33 14.98
CA CYS D 144 -29.62 5.46 15.87
C CYS D 144 -28.92 6.69 15.32
N GLY D 145 -28.37 6.63 14.11
CA GLY D 145 -27.67 7.74 13.53
C GLY D 145 -26.21 7.89 13.95
N ARG D 146 -25.68 6.95 14.73
CA ARG D 146 -24.28 6.98 15.14
C ARG D 146 -23.36 6.53 14.00
N VAL D 147 -22.20 7.16 13.90
CA VAL D 147 -21.25 6.77 12.86
C VAL D 147 -20.51 5.52 13.35
N ILE D 148 -20.71 4.39 12.66
CA ILE D 148 -20.03 3.16 13.02
C ILE D 148 -18.79 2.90 12.19
N GLY D 149 -18.45 3.78 11.25
CA GLY D 149 -17.21 3.63 10.51
C GLY D 149 -17.23 4.51 9.28
N LEU D 150 -16.11 4.49 8.55
CA LEU D 150 -15.98 5.27 7.32
C LEU D 150 -15.81 4.34 6.13
N TYR D 151 -16.35 4.80 5.00
CA TYR D 151 -16.31 4.07 3.73
C TYR D 151 -15.04 4.41 2.95
N GLY D 152 -14.48 3.43 2.25
CA GLY D 152 -13.55 3.79 1.21
C GLY D 152 -12.21 3.06 1.16
N ASN D 153 -11.96 2.13 2.08
CA ASN D 153 -10.79 1.27 2.02
C ASN D 153 -11.28 -0.16 1.89
N GLY D 154 -10.95 -0.80 0.77
CA GLY D 154 -11.52 -2.11 0.51
C GLY D 154 -10.84 -2.84 -0.62
N VAL D 155 -11.62 -3.62 -1.37
CA VAL D 155 -11.12 -4.48 -2.41
C VAL D 155 -12.05 -4.44 -3.62
N VAL D 156 -11.49 -4.73 -4.80
CA VAL D 156 -12.28 -4.98 -6.01
C VAL D 156 -12.38 -6.48 -6.20
N ILE D 157 -13.58 -6.98 -6.50
CA ILE D 157 -13.74 -8.41 -6.71
C ILE D 157 -13.71 -8.73 -8.21
N LYS D 158 -13.89 -10.01 -8.54
CA LYS D 158 -13.61 -10.50 -9.90
C LYS D 158 -14.51 -9.83 -10.94
N ASN D 159 -15.75 -9.53 -10.59
CA ASN D 159 -16.65 -8.94 -11.59
C ASN D 159 -16.48 -7.43 -11.68
N GLY D 160 -15.46 -6.89 -11.01
CA GLY D 160 -15.16 -5.49 -11.09
C GLY D 160 -15.85 -4.62 -10.06
N SER D 161 -16.74 -5.17 -9.24
CA SER D 161 -17.39 -4.36 -8.23
C SER D 161 -16.51 -4.21 -7.00
N TYR D 162 -16.96 -3.32 -6.11
CA TYR D 162 -16.19 -2.82 -5.00
C TYR D 162 -16.85 -3.24 -3.70
N VAL D 163 -16.03 -3.62 -2.72
CA VAL D 163 -16.52 -3.90 -1.37
C VAL D 163 -15.62 -3.13 -0.42
N SER D 164 -16.20 -2.31 0.46
CA SER D 164 -15.45 -1.49 1.40
C SER D 164 -15.51 -2.07 2.81
N ALA D 165 -14.38 -2.05 3.53
CA ALA D 165 -14.46 -2.27 4.97
C ALA D 165 -15.30 -1.16 5.61
N ILE D 166 -15.94 -1.49 6.73
CA ILE D 166 -16.45 -0.46 7.64
C ILE D 166 -15.31 -0.14 8.59
N THR D 167 -14.58 0.95 8.34
CA THR D 167 -13.34 1.24 9.07
C THR D 167 -13.66 2.16 10.25
N GLN D 168 -13.38 1.71 11.47
CA GLN D 168 -13.71 2.47 12.67
C GLN D 168 -12.47 2.59 13.54
N GLY D 169 -12.29 3.74 14.19
CA GLY D 169 -11.20 3.96 15.12
C GLY D 169 -11.60 3.63 16.55
N LYS D 170 -10.76 4.05 17.49
CA LYS D 170 -11.02 3.83 18.90
C LYS D 170 -11.09 5.18 19.60
N ARG D 171 -12.12 5.36 20.42
CA ARG D 171 -12.19 6.54 21.28
C ARG D 171 -11.64 6.17 22.65
N ASP E 7 11.84 22.42 3.10
CA ASP E 7 12.24 21.02 2.98
C ASP E 7 12.98 20.51 4.22
N MET E 8 12.40 19.52 4.88
CA MET E 8 13.01 18.89 6.04
C MET E 8 13.73 17.62 5.64
N TYR E 9 14.91 17.40 6.23
CA TYR E 9 15.69 16.22 5.89
C TYR E 9 16.46 15.78 7.12
N ILE E 10 16.97 14.55 7.07
CA ILE E 10 17.67 13.98 8.21
C ILE E 10 19.12 13.68 7.82
N GLU E 11 20.01 13.80 8.80
CA GLU E 11 21.44 13.53 8.67
C GLU E 11 21.87 12.66 9.84
N ARG E 12 22.56 11.57 9.56
CA ARG E 12 23.00 10.70 10.63
C ARG E 12 23.94 11.46 11.58
N ALA E 13 23.82 11.18 12.87
CA ALA E 13 24.62 11.86 13.88
C ALA E 13 25.35 10.90 14.81
N GLY E 14 25.05 9.61 14.79
CA GLY E 14 25.87 8.66 15.52
C GLY E 14 25.11 7.40 15.85
N ASP E 15 25.81 6.50 16.52
CA ASP E 15 25.20 5.30 17.07
C ASP E 15 24.52 5.63 18.39
N ILE E 16 23.63 4.74 18.80
CA ILE E 16 22.96 4.85 20.09
C ILE E 16 23.66 3.87 21.02
N THR E 17 24.48 4.41 21.93
CA THR E 17 25.30 3.60 22.83
C THR E 17 25.39 4.29 24.18
N TRP E 18 25.44 3.46 25.23
CA TRP E 18 25.82 3.93 26.55
C TRP E 18 27.31 4.22 26.59
N GLU E 19 27.67 5.41 27.09
CA GLU E 19 29.06 5.84 27.21
C GLU E 19 29.50 5.68 28.66
N LYS E 20 30.44 4.75 28.89
CA LYS E 20 30.83 4.42 30.25
C LYS E 20 31.47 5.60 30.97
N ASP E 21 32.13 6.50 30.24
CA ASP E 21 32.77 7.64 30.86
C ASP E 21 31.98 8.93 30.65
N ALA E 22 30.67 8.90 30.86
CA ALA E 22 29.84 10.07 30.62
C ALA E 22 29.77 10.94 31.87
N GLU E 23 29.71 12.26 31.65
CA GLU E 23 29.46 13.19 32.74
C GLU E 23 28.09 12.93 33.35
N VAL E 24 28.02 12.96 34.67
CA VAL E 24 26.77 12.84 35.40
C VAL E 24 26.36 14.21 35.92
N THR E 25 25.08 14.53 35.83
CA THR E 25 24.58 15.82 36.32
C THR E 25 23.05 15.76 36.38
N GLY E 26 22.47 16.82 36.93
CA GLY E 26 21.03 16.99 36.97
C GLY E 26 20.39 16.58 38.29
N ASN E 27 19.27 17.23 38.62
CA ASN E 27 18.46 16.87 39.78
C ASN E 27 17.50 15.74 39.43
N SER E 28 16.75 15.28 40.43
CA SER E 28 15.72 14.24 40.27
C SER E 28 14.41 14.72 40.89
N PRO E 29 13.82 15.78 40.34
CA PRO E 29 12.64 16.37 41.00
C PRO E 29 11.42 15.49 40.89
N ARG E 30 10.61 15.49 41.94
CA ARG E 30 9.31 14.82 41.93
C ARG E 30 8.24 15.90 41.79
N LEU E 31 7.48 15.86 40.70
CA LEU E 31 6.54 16.93 40.37
C LEU E 31 5.17 16.34 40.06
N ASP E 32 4.13 17.03 40.50
CA ASP E 32 2.76 16.72 40.09
C ASP E 32 2.42 17.53 38.83
N VAL E 33 2.09 16.84 37.75
CA VAL E 33 1.88 17.49 36.47
C VAL E 33 0.61 16.92 35.83
N ALA E 34 0.08 17.69 34.90
CA ALA E 34 -1.07 17.27 34.12
C ALA E 34 -0.69 17.41 32.65
N LEU E 35 -1.30 16.57 31.82
CA LEU E 35 -1.03 16.54 30.38
C LEU E 35 -2.33 16.87 29.67
N ASP E 36 -2.34 17.96 28.90
CA ASP E 36 -3.59 18.33 28.25
C ASP E 36 -3.66 17.70 26.86
N GLU E 37 -4.78 17.92 26.16
CA GLU E 37 -5.01 17.23 24.91
C GLU E 37 -4.03 17.66 23.82
N SER E 38 -3.40 18.83 23.97
CA SER E 38 -2.39 19.28 23.03
C SER E 38 -1.01 18.67 23.29
N GLY E 39 -0.88 17.79 24.28
CA GLY E 39 0.40 17.22 24.62
C GLY E 39 1.28 18.12 25.46
N ASP E 40 0.73 19.19 26.02
CA ASP E 40 1.51 20.12 26.84
C ASP E 40 1.39 19.74 28.31
N PHE E 41 2.53 19.65 28.99
CA PHE E 41 2.56 19.42 30.43
C PHE E 41 2.38 20.73 31.18
N SER E 42 1.70 20.67 32.30
CA SER E 42 1.55 21.80 33.19
C SER E 42 1.79 21.33 34.63
N LEU E 43 2.04 22.27 35.52
CA LEU E 43 2.25 21.94 36.93
C LEU E 43 0.92 22.01 37.65
N VAL E 44 0.68 21.01 38.51
CA VAL E 44 -0.50 21.02 39.36
C VAL E 44 -0.12 21.55 40.75
N GLU F 18 21.69 6.26 5.48
CA GLU F 18 20.34 6.54 4.98
C GLU F 18 19.31 5.86 5.86
N THR F 19 19.34 4.53 5.92
CA THR F 19 18.42 3.75 6.74
C THR F 19 19.11 3.01 7.88
N THR F 20 20.42 3.20 8.04
CA THR F 20 21.16 2.59 9.13
C THR F 20 20.59 3.03 10.48
N ASP F 21 20.43 2.07 11.39
CA ASP F 21 20.06 2.39 12.76
C ASP F 21 20.97 3.47 13.32
N GLY F 22 20.43 4.32 14.16
CA GLY F 22 21.23 5.33 14.83
C GLY F 22 20.40 6.56 15.14
N VAL F 23 21.10 7.62 15.53
CA VAL F 23 20.48 8.88 15.90
C VAL F 23 20.74 9.87 14.78
N TYR F 24 19.71 10.68 14.45
CA TYR F 24 19.74 11.57 13.30
C TYR F 24 19.35 12.98 13.71
N ARG F 25 19.98 13.97 13.07
CA ARG F 25 19.49 15.34 13.14
C ARG F 25 18.31 15.51 12.19
N VAL F 26 17.35 16.33 12.61
CA VAL F 26 16.28 16.76 11.73
C VAL F 26 16.56 18.22 11.37
N MET F 27 16.79 18.45 10.09
CA MET F 27 17.19 19.74 9.55
C MET F 27 16.09 20.31 8.67
N THR F 28 16.04 21.63 8.57
CA THR F 28 15.12 22.31 7.67
C THR F 28 15.90 23.27 6.79
N ARG F 29 15.62 23.22 5.50
CA ARG F 29 16.21 24.18 4.55
C ARG F 29 15.55 25.54 4.72
N ARG F 30 16.36 26.58 4.88
CA ARG F 30 15.84 27.93 5.04
C ARG F 30 16.25 28.77 3.84
N LEU F 31 16.14 30.09 3.97
CA LEU F 31 16.48 30.97 2.86
C LEU F 31 17.97 30.94 2.56
N LEU F 32 18.81 30.82 3.59
CA LEU F 32 20.26 30.93 3.43
C LEU F 32 20.96 29.60 3.68
N GLY F 33 20.94 29.10 4.91
CA GLY F 33 21.55 27.82 5.22
C GLY F 33 20.54 26.83 5.77
N SER F 34 20.94 26.03 6.74
CA SER F 34 20.07 25.03 7.37
C SER F 34 19.95 25.30 8.86
N THR F 35 18.84 24.81 9.44
CA THR F 35 18.61 24.89 10.87
C THR F 35 18.18 23.53 11.39
N GLN F 36 18.78 23.11 12.50
CA GLN F 36 18.37 21.88 13.14
C GLN F 36 17.10 22.14 13.94
N VAL F 37 16.00 21.49 13.54
CA VAL F 37 14.75 21.63 14.29
C VAL F 37 14.57 20.53 15.33
N GLY F 38 15.30 19.42 15.20
CA GLY F 38 15.24 18.41 16.24
C GLY F 38 16.11 17.23 15.87
N VAL F 39 15.74 16.10 16.46
CA VAL F 39 16.51 14.86 16.44
C VAL F 39 15.52 13.70 16.34
N GLY F 40 15.97 12.57 15.82
CA GLY F 40 15.17 11.38 15.87
C GLY F 40 16.00 10.11 15.87
N VAL F 41 15.32 8.97 16.00
CA VAL F 41 15.92 7.65 16.14
C VAL F 41 15.46 6.76 14.99
N MET F 42 16.41 6.18 14.27
CA MET F 42 16.12 5.20 13.24
C MET F 42 16.31 3.81 13.86
N GLN F 43 15.28 2.98 13.81
CA GLN F 43 15.43 1.64 14.35
C GLN F 43 14.49 0.70 13.61
N GLU F 44 15.03 -0.41 13.15
CA GLU F 44 14.29 -1.38 12.34
C GLU F 44 13.58 -0.70 11.16
N GLY F 45 14.28 0.23 10.51
CA GLY F 45 13.70 0.82 9.33
C GLY F 45 12.57 1.80 9.57
N VAL F 46 12.35 2.22 10.82
CA VAL F 46 11.34 3.22 11.14
C VAL F 46 12.06 4.40 11.79
N PHE F 47 11.64 5.62 11.45
CA PHE F 47 12.22 6.83 12.03
C PHE F 47 11.26 7.38 13.08
N HIS F 48 11.78 7.67 14.27
CA HIS F 48 11.01 8.08 15.44
C HIS F 48 11.42 9.49 15.84
N THR F 49 10.45 10.38 16.04
CA THR F 49 10.78 11.70 16.60
C THR F 49 9.56 12.22 17.34
N MET F 50 9.66 13.45 17.85
CA MET F 50 8.54 14.08 18.55
C MET F 50 7.67 14.84 17.56
N TRP F 51 6.35 14.81 17.79
CA TRP F 51 5.43 15.40 16.83
C TRP F 51 5.72 16.87 16.61
N HIS F 52 6.04 17.61 17.67
CA HIS F 52 6.25 19.04 17.47
C HIS F 52 7.50 19.35 16.66
N VAL F 53 8.34 18.36 16.38
CA VAL F 53 9.55 18.62 15.60
C VAL F 53 9.21 18.75 14.11
N THR F 54 8.38 17.83 13.59
CA THR F 54 8.03 17.82 12.17
C THR F 54 6.60 18.23 11.89
N LYS F 55 5.73 18.26 12.91
CA LYS F 55 4.30 18.48 12.71
C LYS F 55 3.69 17.44 11.77
N GLY F 56 4.30 16.27 11.69
CA GLY F 56 3.81 15.25 10.78
C GLY F 56 4.22 15.41 9.33
N ALA F 57 5.06 16.39 9.01
CA ALA F 57 5.48 16.61 7.63
C ALA F 57 6.40 15.49 7.14
N ALA F 58 6.42 15.30 5.81
CA ALA F 58 7.30 14.32 5.19
C ALA F 58 8.76 14.75 5.32
N LEU F 59 9.66 13.76 5.36
CA LEU F 59 11.08 14.00 5.51
C LEU F 59 11.86 13.47 4.31
N ARG F 60 12.92 14.18 3.96
CA ARG F 60 13.87 13.74 2.95
C ARG F 60 15.01 12.99 3.63
N SER F 61 15.42 11.87 3.03
CA SER F 61 16.55 11.07 3.51
C SER F 61 17.42 10.76 2.29
N GLY F 62 18.38 11.63 2.02
CA GLY F 62 19.13 11.49 0.78
C GLY F 62 18.23 11.81 -0.40
N GLU F 63 18.22 10.93 -1.40
CA GLU F 63 17.29 11.09 -2.50
C GLU F 63 15.90 10.53 -2.18
N GLY F 64 15.80 9.67 -1.17
CA GLY F 64 14.53 9.07 -0.82
C GLY F 64 13.70 9.97 0.10
N ARG F 65 12.45 9.57 0.28
CA ARG F 65 11.49 10.36 1.03
C ARG F 65 10.82 9.48 2.07
N LEU F 66 10.74 9.98 3.30
CA LEU F 66 10.12 9.26 4.41
C LEU F 66 8.73 9.84 4.66
N ASP F 67 7.72 8.97 4.65
CA ASP F 67 6.34 9.39 4.85
C ASP F 67 5.88 9.07 6.26
N PRO F 68 5.15 9.99 6.90
CA PRO F 68 4.61 9.68 8.23
C PRO F 68 3.71 8.45 8.17
N TYR F 69 3.78 7.65 9.21
CA TYR F 69 2.98 6.43 9.32
C TYR F 69 2.00 6.47 10.49
N TRP F 70 2.43 7.02 11.62
CA TRP F 70 1.62 7.06 12.83
C TRP F 70 2.00 8.32 13.59
N GLY F 71 1.02 8.99 14.19
CA GLY F 71 1.36 10.09 15.09
C GLY F 71 0.27 10.35 16.10
N ASP F 72 0.64 11.01 17.19
CA ASP F 72 -0.32 11.29 18.25
C ASP F 72 0.12 12.58 18.95
N VAL F 73 -0.66 13.64 18.80
CA VAL F 73 -0.27 14.95 19.36
C VAL F 73 -0.23 14.92 20.88
N LYS F 74 -1.11 14.13 21.51
CA LYS F 74 -1.12 14.12 22.96
C LYS F 74 0.13 13.45 23.51
N GLN F 75 0.56 12.36 22.89
CA GLN F 75 1.84 11.78 23.27
C GLN F 75 3.02 12.61 22.76
N ASP F 76 2.77 13.47 21.77
CA ASP F 76 3.80 14.29 21.13
C ASP F 76 4.83 13.44 20.38
N LEU F 77 4.35 12.40 19.68
CA LEU F 77 5.22 11.46 18.99
C LEU F 77 4.73 11.22 17.56
N VAL F 78 5.67 10.84 16.69
CA VAL F 78 5.36 10.50 15.30
C VAL F 78 6.38 9.47 14.82
N SER F 79 5.95 8.54 13.97
CA SER F 79 6.87 7.59 13.34
C SER F 79 6.70 7.61 11.83
N TYR F 80 7.79 7.31 11.13
CA TYR F 80 7.88 7.33 9.67
C TYR F 80 8.24 5.95 9.16
N CYS F 81 7.59 5.54 8.05
CA CYS F 81 7.83 4.30 7.31
C CYS F 81 7.30 3.07 8.01
N GLY F 82 6.76 3.19 9.21
CA GLY F 82 6.27 2.05 9.91
C GLY F 82 5.75 2.45 11.27
N PRO F 83 5.25 1.48 12.03
CA PRO F 83 4.73 1.78 13.37
C PRO F 83 5.86 1.97 14.38
N TRP F 84 5.51 2.62 15.48
CA TRP F 84 6.46 2.86 16.58
C TRP F 84 7.10 1.57 17.03
N LYS F 85 8.44 1.51 17.02
CA LYS F 85 9.19 0.30 17.34
C LYS F 85 9.88 0.33 18.70
N LEU F 86 10.01 1.49 19.34
CA LEU F 86 10.76 1.59 20.59
C LEU F 86 9.88 1.18 21.75
N ASP F 87 10.26 0.14 22.48
CA ASP F 87 9.40 -0.50 23.47
C ASP F 87 10.02 -0.59 24.86
N ALA F 88 11.28 -0.23 25.05
CA ALA F 88 11.88 -0.32 26.38
C ALA F 88 11.41 0.83 27.27
N ALA F 89 11.43 0.59 28.58
CA ALA F 89 10.95 1.57 29.54
C ALA F 89 11.92 1.70 30.70
N TRP F 90 11.95 2.89 31.29
CA TRP F 90 12.78 3.12 32.46
C TRP F 90 12.32 2.20 33.59
N ASP F 91 13.27 1.59 34.28
CA ASP F 91 12.92 0.67 35.36
C ASP F 91 12.56 1.38 36.65
N GLY F 92 12.56 2.71 36.66
CA GLY F 92 12.14 3.48 37.82
C GLY F 92 13.19 3.59 38.92
N LEU F 93 14.37 3.02 38.73
CA LEU F 93 15.40 2.95 39.76
C LEU F 93 16.77 3.41 39.28
N SER F 94 17.14 3.10 38.04
CA SER F 94 18.49 3.23 37.55
C SER F 94 18.72 4.59 36.89
N GLU F 95 19.99 5.00 36.86
CA GLU F 95 20.34 6.17 36.07
C GLU F 95 20.22 5.84 34.59
N VAL F 96 20.10 6.89 33.78
CA VAL F 96 19.94 6.77 32.35
C VAL F 96 20.89 7.77 31.70
N GLN F 97 20.96 7.73 30.37
CA GLN F 97 21.77 8.71 29.64
C GLN F 97 20.93 9.43 28.59
N LEU F 98 21.06 10.76 28.53
CA LEU F 98 20.47 11.58 27.45
C LEU F 98 21.49 11.70 26.32
N LEU F 99 21.28 10.95 25.23
CA LEU F 99 22.19 11.06 24.09
C LEU F 99 21.79 12.34 23.35
N ALA F 100 22.31 13.46 23.84
CA ALA F 100 21.95 14.77 23.33
C ALA F 100 22.67 15.06 22.01
N VAL F 101 21.91 15.52 21.02
CA VAL F 101 22.49 15.93 19.74
C VAL F 101 22.20 17.40 19.54
N PRO F 102 22.99 18.31 20.11
CA PRO F 102 22.70 19.74 20.01
C PRO F 102 23.09 20.28 18.65
N PRO F 103 22.39 21.30 18.17
CA PRO F 103 22.73 21.89 16.86
C PRO F 103 24.19 22.31 16.81
N GLY F 104 24.85 21.97 15.70
CA GLY F 104 26.23 22.36 15.48
C GLY F 104 27.22 21.70 16.39
N GLU F 105 26.81 20.70 17.17
CA GLU F 105 27.71 20.04 18.12
C GLU F 105 27.63 18.53 17.95
N ARG F 106 28.70 17.86 18.37
CA ARG F 106 28.76 16.41 18.29
C ARG F 106 27.82 15.77 19.31
N ALA F 107 27.31 14.60 18.97
CA ALA F 107 26.46 13.85 19.89
C ALA F 107 27.24 13.53 21.17
N LYS F 108 26.61 13.75 22.32
CA LYS F 108 27.27 13.50 23.59
C LYS F 108 26.28 12.85 24.56
N ASN F 109 26.84 12.09 25.50
CA ASN F 109 26.04 11.35 26.48
C ASN F 109 26.10 12.08 27.81
N ILE F 110 24.94 12.29 28.41
CA ILE F 110 24.83 12.92 29.72
CA ILE F 110 24.83 12.92 29.72
C ILE F 110 24.08 11.97 30.64
N GLN F 111 24.68 11.65 31.78
CA GLN F 111 24.06 10.69 32.69
C GLN F 111 23.31 11.40 33.80
N THR F 112 22.16 10.87 34.18
CA THR F 112 21.34 11.50 35.22
C THR F 112 20.45 10.44 35.83
N LEU F 113 20.02 10.69 37.07
CA LEU F 113 18.98 9.88 37.70
C LEU F 113 17.63 10.57 37.50
N PRO F 114 16.68 9.96 36.80
CA PRO F 114 15.44 10.67 36.46
C PRO F 114 14.63 11.03 37.68
N GLY F 115 13.98 12.18 37.61
CA GLY F 115 12.91 12.52 38.52
C GLY F 115 11.63 11.83 38.06
N ILE F 116 10.48 12.37 38.50
CA ILE F 116 9.19 11.77 38.19
C ILE F 116 8.17 12.86 37.92
N PHE F 117 7.43 12.71 36.83
CA PHE F 117 6.16 13.41 36.65
C PHE F 117 5.06 12.51 37.21
N LYS F 118 4.38 12.97 38.25
CA LYS F 118 3.24 12.25 38.81
C LYS F 118 1.96 12.81 38.21
N THR F 119 1.21 11.95 37.53
CA THR F 119 -0.03 12.33 36.85
C THR F 119 -1.19 11.48 37.36
N LYS F 120 -2.41 11.93 37.04
CA LYS F 120 -3.59 11.14 37.36
C LYS F 120 -3.51 9.75 36.75
N ASP F 121 -2.87 9.62 35.59
CA ASP F 121 -2.73 8.33 34.92
C ASP F 121 -1.61 7.48 35.49
N GLY F 122 -0.68 8.09 36.21
CA GLY F 122 0.45 7.34 36.73
C GLY F 122 1.75 8.11 36.54
N ASP F 123 2.85 7.48 36.91
CA ASP F 123 4.14 8.14 36.97
C ASP F 123 4.88 8.03 35.63
N ILE F 124 5.58 9.10 35.27
CA ILE F 124 6.41 9.16 34.07
C ILE F 124 7.80 9.59 34.50
N GLY F 125 8.83 8.92 34.00
CA GLY F 125 10.18 9.35 34.29
C GLY F 125 10.46 10.71 33.68
N ALA F 126 11.33 11.48 34.32
CA ALA F 126 11.64 12.82 33.82
C ALA F 126 13.10 13.15 34.09
N VAL F 127 13.74 13.85 33.16
CA VAL F 127 15.15 14.23 33.29
C VAL F 127 15.25 15.74 33.40
N ALA F 128 15.94 16.21 34.44
CA ALA F 128 16.11 17.65 34.67
C ALA F 128 17.39 18.15 33.99
N LEU F 129 17.43 17.97 32.68
CA LEU F 129 18.55 18.41 31.84
C LEU F 129 18.06 19.44 30.83
N ASP F 130 18.84 20.49 30.66
CA ASP F 130 18.44 21.67 29.89
C ASP F 130 19.41 21.81 28.72
N TYR F 131 18.98 21.46 27.52
CA TYR F 131 19.80 21.58 26.34
C TYR F 131 19.13 22.45 25.30
N PRO F 132 19.89 22.93 24.31
CA PRO F 132 19.36 23.98 23.42
C PRO F 132 18.11 23.53 22.68
N ALA F 133 17.31 24.53 22.30
CA ALA F 133 16.27 24.30 21.31
C ALA F 133 16.89 23.65 20.08
N GLY F 134 16.18 22.67 19.54
CA GLY F 134 16.70 21.85 18.46
C GLY F 134 17.13 20.47 18.90
N THR F 135 17.18 20.21 20.20
CA THR F 135 17.55 18.90 20.71
CA THR F 135 17.55 18.90 20.71
C THR F 135 16.35 17.99 20.95
N SER F 136 15.13 18.48 20.74
CA SER F 136 13.95 17.63 20.90
C SER F 136 14.07 16.38 20.04
N GLY F 137 13.77 15.22 20.62
CA GLY F 137 13.88 13.98 19.91
C GLY F 137 15.13 13.19 20.25
N SER F 138 16.06 13.78 21.00
CA SER F 138 17.25 13.05 21.40
C SER F 138 16.87 11.83 22.24
N PRO F 139 17.49 10.68 22.00
CA PRO F 139 17.09 9.47 22.72
C PRO F 139 17.63 9.44 24.14
N ILE F 140 16.82 8.84 25.01
CA ILE F 140 17.20 8.54 26.38
C ILE F 140 17.39 7.04 26.46
N LEU F 141 18.50 6.60 27.04
CA LEU F 141 18.94 5.21 26.99
C LEU F 141 19.03 4.61 28.38
N ASP F 142 18.80 3.30 28.45
CA ASP F 142 19.16 2.58 29.65
C ASP F 142 20.55 1.97 29.48
N LYS F 143 21.03 1.27 30.52
CA LYS F 143 22.38 0.73 30.52
C LYS F 143 22.59 -0.31 29.44
N CYS F 144 21.53 -0.84 28.85
CA CYS F 144 21.67 -1.80 27.75
C CYS F 144 21.73 -1.13 26.39
N GLY F 145 21.71 0.20 26.34
CA GLY F 145 21.66 0.90 25.07
C GLY F 145 20.28 1.02 24.46
N ARG F 146 19.24 0.53 25.12
CA ARG F 146 17.89 0.60 24.58
C ARG F 146 17.29 1.98 24.77
N VAL F 147 16.59 2.47 23.74
CA VAL F 147 15.94 3.76 23.85
C VAL F 147 14.68 3.62 24.70
N ILE F 148 14.65 4.30 25.84
CA ILE F 148 13.50 4.24 26.74
C ILE F 148 12.57 5.44 26.57
N GLY F 149 12.91 6.37 25.70
CA GLY F 149 12.03 7.49 25.39
C GLY F 149 12.82 8.58 24.71
N LEU F 150 12.12 9.67 24.36
CA LEU F 150 12.72 10.81 23.70
C LEU F 150 12.62 12.05 24.58
N TYR F 151 13.56 12.97 24.37
CA TYR F 151 13.73 14.16 25.18
C TYR F 151 13.06 15.36 24.52
N GLY F 152 12.42 16.22 25.33
CA GLY F 152 12.07 17.52 24.78
C GLY F 152 10.65 18.01 24.93
N ASN F 153 9.78 17.24 25.59
CA ASN F 153 8.44 17.70 25.96
C ASN F 153 8.40 17.72 27.48
N GLY F 154 8.30 18.90 28.06
CA GLY F 154 8.39 19.03 29.50
C GLY F 154 7.81 20.29 30.05
N VAL F 155 8.45 20.79 31.11
CA VAL F 155 7.97 21.94 31.85
C VAL F 155 9.17 22.68 32.41
N VAL F 156 8.95 23.95 32.75
CA VAL F 156 9.94 24.77 33.46
C VAL F 156 9.39 25.01 34.86
N ILE F 157 10.18 24.69 35.88
CA ILE F 157 9.75 24.83 37.24
C ILE F 157 10.22 26.17 37.79
N LYS F 158 9.73 26.51 38.98
CA LYS F 158 10.00 27.83 39.54
C LYS F 158 11.48 28.19 39.45
N ASN F 159 12.35 27.28 39.87
CA ASN F 159 13.79 27.51 39.92
C ASN F 159 14.35 27.91 38.56
N GLY F 160 13.50 27.93 37.54
CA GLY F 160 13.95 28.12 36.18
C GLY F 160 14.44 26.85 35.51
N SER F 161 14.60 25.77 36.26
CA SER F 161 15.05 24.51 35.68
C SER F 161 14.04 24.03 34.63
N TYR F 162 14.56 23.44 33.57
CA TYR F 162 13.74 22.72 32.61
C TYR F 162 13.79 21.24 32.95
N VAL F 163 12.63 20.59 32.89
CA VAL F 163 12.49 19.18 33.17
C VAL F 163 11.70 18.55 32.04
N SER F 164 12.27 17.53 31.38
CA SER F 164 11.65 16.87 30.24
C SER F 164 11.07 15.53 30.66
N ALA F 165 9.85 15.23 30.20
CA ALA F 165 9.36 13.87 30.30
C ALA F 165 10.30 12.95 29.53
N ILE F 166 10.43 11.72 29.99
CA ILE F 166 10.98 10.64 29.18
C ILE F 166 9.79 10.09 28.38
N THR F 167 9.65 10.52 27.14
CA THR F 167 8.45 10.20 26.36
C THR F 167 8.68 8.95 25.52
N GLN F 168 7.92 7.90 25.80
CA GLN F 168 7.99 6.65 25.07
C GLN F 168 6.63 6.36 24.43
N GLY F 169 6.68 5.79 23.23
CA GLY F 169 5.44 5.50 22.51
C GLY F 169 4.66 4.39 23.19
N LYS F 170 3.36 4.60 23.34
CA LYS F 170 2.47 3.63 23.97
C LYS F 170 1.65 2.94 22.90
N ARG F 171 1.71 1.62 22.88
CA ARG F 171 1.00 0.83 21.87
C ARG F 171 0.26 -0.36 22.49
N ASP G 7 22.44 -12.22 -25.22
CA ASP G 7 22.75 -13.63 -25.31
C ASP G 7 23.87 -14.02 -24.34
N MET G 8 23.75 -15.19 -23.73
CA MET G 8 24.62 -15.61 -22.65
C MET G 8 25.39 -16.86 -23.06
N TYR G 9 26.57 -17.00 -22.47
CA TYR G 9 27.46 -18.12 -22.77
C TYR G 9 28.37 -18.36 -21.58
N ILE G 10 28.99 -19.53 -21.56
CA ILE G 10 29.86 -19.92 -20.46
C ILE G 10 31.28 -20.11 -20.98
N GLU G 11 32.25 -19.80 -20.11
CA GLU G 11 33.68 -19.99 -20.34
C GLU G 11 34.25 -20.75 -19.16
N ARG G 12 34.98 -21.83 -19.43
CA ARG G 12 35.52 -22.60 -18.33
C ARG G 12 36.54 -21.77 -17.55
N ALA G 13 36.51 -21.90 -16.22
CA ALA G 13 37.34 -21.10 -15.34
C ALA G 13 38.27 -21.90 -14.45
N GLY G 14 38.14 -23.21 -14.37
CA GLY G 14 39.09 -24.00 -13.62
C GLY G 14 38.49 -25.32 -13.15
N ASP G 15 39.35 -26.09 -12.49
CA ASP G 15 38.97 -27.31 -11.79
C ASP G 15 38.34 -26.97 -10.45
N ILE G 16 37.52 -27.87 -9.94
CA ILE G 16 36.91 -27.72 -8.62
C ILE G 16 37.76 -28.53 -7.64
N THR G 17 38.45 -27.84 -6.75
CA THR G 17 39.44 -28.47 -5.90
C THR G 17 39.50 -27.75 -4.56
N TRP G 18 39.71 -28.53 -3.49
CA TRP G 18 40.10 -27.98 -2.20
C TRP G 18 41.57 -27.60 -2.25
N GLU G 19 41.89 -26.37 -1.82
CA GLU G 19 43.27 -25.89 -1.79
C GLU G 19 43.84 -26.12 -0.40
N LYS G 20 44.97 -26.83 -0.33
CA LYS G 20 45.59 -27.11 0.95
C LYS G 20 46.09 -25.82 1.61
N ASP G 21 46.53 -24.86 0.81
CA ASP G 21 47.18 -23.66 1.33
C ASP G 21 46.22 -22.54 1.67
N ALA G 22 44.91 -22.76 1.58
CA ALA G 22 43.96 -21.66 1.51
C ALA G 22 44.05 -20.71 2.71
N GLU G 23 43.96 -19.42 2.41
CA GLU G 23 43.80 -18.42 3.45
C GLU G 23 42.43 -18.54 4.10
N VAL G 24 42.37 -18.27 5.40
CA VAL G 24 41.15 -18.39 6.18
C VAL G 24 40.69 -17.00 6.59
N THR G 25 39.39 -16.74 6.47
CA THR G 25 38.86 -15.44 6.89
C THR G 25 37.35 -15.55 7.12
N GLY G 26 36.77 -14.45 7.60
CA GLY G 26 35.35 -14.43 7.86
C GLY G 26 34.99 -14.91 9.24
N ASN G 27 33.91 -14.38 9.83
CA ASN G 27 33.42 -14.89 11.10
C ASN G 27 32.33 -15.92 10.79
N SER G 28 31.54 -16.28 11.80
CA SER G 28 30.55 -17.35 11.71
C SER G 28 29.24 -16.83 12.27
N PRO G 29 28.60 -15.88 11.59
CA PRO G 29 27.43 -15.22 12.19
C PRO G 29 26.25 -16.16 12.27
N ARG G 30 25.47 -16.01 13.33
CA ARG G 30 24.23 -16.74 13.52
C ARG G 30 23.09 -15.73 13.54
N LEU G 31 22.14 -15.90 12.62
CA LEU G 31 21.17 -14.87 12.28
C LEU G 31 19.80 -15.50 12.10
N ASP G 32 18.78 -14.79 12.58
CA ASP G 32 17.39 -15.16 12.28
C ASP G 32 17.00 -14.51 10.96
N VAL G 33 16.54 -15.32 10.01
CA VAL G 33 16.18 -14.82 8.68
C VAL G 33 14.91 -15.49 8.20
N ALA G 34 14.26 -14.84 7.24
CA ALA G 34 13.10 -15.38 6.56
C ALA G 34 13.40 -15.41 5.06
N LEU G 35 12.76 -16.35 4.37
CA LEU G 35 12.92 -16.51 2.93
C LEU G 35 11.55 -16.37 2.29
N ASP G 36 11.39 -15.37 1.43
CA ASP G 36 10.08 -15.12 0.85
C ASP G 36 9.93 -15.89 -0.47
N GLU G 37 8.76 -15.79 -1.07
CA GLU G 37 8.45 -16.61 -2.24
C GLU G 37 9.34 -16.24 -3.43
N SER G 38 9.94 -15.06 -3.43
CA SER G 38 10.84 -14.64 -4.50
C SER G 38 12.26 -15.15 -4.31
N GLY G 39 12.53 -15.93 -3.26
CA GLY G 39 13.88 -16.36 -2.96
C GLY G 39 14.75 -15.32 -2.30
N ASP G 40 14.16 -14.25 -1.77
CA ASP G 40 14.93 -13.22 -1.07
C ASP G 40 14.97 -13.51 0.42
N PHE G 41 16.17 -13.43 1.02
CA PHE G 41 16.32 -13.48 2.46
C PHE G 41 16.09 -12.09 3.04
N SER G 42 15.57 -12.07 4.27
CA SER G 42 15.48 -10.84 5.06
C SER G 42 15.75 -11.19 6.51
N LEU G 43 16.12 -10.17 7.29
CA LEU G 43 16.38 -10.36 8.71
C LEU G 43 15.07 -10.37 9.50
N VAL G 44 14.92 -11.34 10.39
CA VAL G 44 13.79 -11.36 11.31
C VAL G 44 14.17 -10.67 12.61
N GLU H 18 35.74 -26.74 -22.67
CA GLU H 18 34.53 -26.61 -23.48
C GLU H 18 33.28 -26.97 -22.68
N THR H 19 33.13 -28.25 -22.34
CA THR H 19 31.98 -28.72 -21.58
C THR H 19 32.37 -29.68 -20.44
N THR H 20 33.67 -29.85 -20.19
CA THR H 20 34.13 -30.76 -19.15
C THR H 20 33.70 -30.27 -17.77
N ASP H 21 33.73 -31.18 -16.80
CA ASP H 21 33.46 -30.83 -15.41
C ASP H 21 34.39 -29.70 -14.95
N GLY H 22 33.84 -28.79 -14.15
CA GLY H 22 34.64 -27.72 -13.61
C GLY H 22 33.76 -26.53 -13.27
N VAL H 23 34.43 -25.41 -13.02
CA VAL H 23 33.74 -24.16 -12.73
C VAL H 23 33.82 -23.25 -13.96
N TYR H 24 32.74 -22.51 -14.24
CA TYR H 24 32.58 -21.74 -15.46
C TYR H 24 32.11 -20.32 -15.13
N ARG H 25 32.62 -19.34 -15.86
CA ARG H 25 32.03 -18.00 -15.88
C ARG H 25 30.76 -18.01 -16.74
N VAL H 26 29.74 -17.29 -16.28
CA VAL H 26 28.52 -17.06 -17.05
C VAL H 26 28.59 -15.63 -17.55
N MET H 27 28.69 -15.48 -18.87
CA MET H 27 28.91 -14.21 -19.53
C MET H 27 27.68 -13.81 -20.32
N THR H 28 27.57 -12.51 -20.61
CA THR H 28 26.51 -12.02 -21.47
C THR H 28 27.08 -11.01 -22.47
N ARG H 29 26.66 -11.15 -23.73
CA ARG H 29 27.09 -10.21 -24.77
C ARG H 29 26.18 -8.99 -24.76
N ARG H 30 26.73 -7.83 -24.44
CA ARG H 30 25.97 -6.59 -24.44
C ARG H 30 26.11 -5.90 -25.80
N LEU H 31 25.41 -4.78 -25.97
CA LEU H 31 25.45 -4.06 -27.24
C LEU H 31 26.86 -3.70 -27.66
N LEU H 32 27.80 -3.61 -26.71
CA LEU H 32 29.17 -3.24 -27.02
C LEU H 32 30.15 -4.37 -26.71
N GLY H 33 30.20 -4.85 -25.47
CA GLY H 33 31.14 -5.89 -25.09
C GLY H 33 30.41 -7.04 -24.42
N SER H 34 31.06 -7.63 -23.41
CA SER H 34 30.54 -8.75 -22.65
C SER H 34 30.82 -8.53 -21.18
N THR H 35 29.90 -9.00 -20.34
CA THR H 35 29.96 -8.80 -18.90
C THR H 35 29.80 -10.15 -18.21
N GLN H 36 30.57 -10.38 -17.15
CA GLN H 36 30.34 -11.57 -16.34
C GLN H 36 29.17 -11.30 -15.40
N VAL H 37 28.10 -12.09 -15.54
CA VAL H 37 26.96 -11.94 -14.65
C VAL H 37 26.91 -13.00 -13.57
N GLY H 38 27.76 -14.02 -13.64
CA GLY H 38 27.74 -15.05 -12.61
C GLY H 38 28.70 -16.18 -12.94
N VAL H 39 28.50 -17.29 -12.23
CA VAL H 39 29.40 -18.45 -12.21
C VAL H 39 28.52 -19.70 -12.10
N GLY H 40 29.05 -20.83 -12.57
CA GLY H 40 28.31 -22.07 -12.41
C GLY H 40 29.22 -23.28 -12.36
N VAL H 41 28.61 -24.43 -12.05
CA VAL H 41 29.32 -25.69 -11.87
C VAL H 41 28.83 -26.70 -12.89
N MET H 42 29.76 -27.26 -13.66
CA MET H 42 29.46 -28.36 -14.57
C MET H 42 29.85 -29.67 -13.90
N GLN H 43 28.88 -30.56 -13.73
CA GLN H 43 29.14 -31.84 -13.09
C GLN H 43 28.15 -32.89 -13.59
N GLU H 44 28.64 -34.07 -13.92
CA GLU H 44 27.80 -35.18 -14.35
C GLU H 44 26.87 -34.76 -15.49
N GLY H 45 27.42 -34.05 -16.48
CA GLY H 45 26.66 -33.68 -17.66
C GLY H 45 25.66 -32.56 -17.47
N VAL H 46 25.69 -31.85 -16.35
CA VAL H 46 24.66 -30.86 -16.01
C VAL H 46 25.35 -29.58 -15.55
N PHE H 47 24.84 -28.44 -16.03
CA PHE H 47 25.36 -27.15 -15.60
C PHE H 47 24.44 -26.56 -14.53
N HIS H 48 25.05 -26.15 -13.41
CA HIS H 48 24.34 -25.69 -12.22
C HIS H 48 24.67 -24.22 -11.96
N THR H 49 23.65 -23.37 -11.84
CA THR H 49 23.94 -22.01 -11.41
C THR H 49 22.76 -21.49 -10.60
N MET H 50 22.78 -20.21 -10.24
CA MET H 50 21.67 -19.65 -9.48
C MET H 50 20.66 -19.01 -10.45
N TRP H 51 19.38 -19.09 -10.09
CA TRP H 51 18.35 -18.63 -11.02
C TRP H 51 18.54 -17.16 -11.39
N HIS H 52 18.90 -16.32 -10.40
CA HIS H 52 18.98 -14.90 -10.67
C HIS H 52 20.16 -14.55 -11.58
N VAL H 53 21.07 -15.48 -11.84
CA VAL H 53 22.16 -15.22 -12.79
C VAL H 53 21.64 -15.27 -14.23
N THR H 54 20.86 -16.31 -14.58
CA THR H 54 20.40 -16.46 -15.96
C THR H 54 18.94 -16.15 -16.18
N LYS H 55 18.13 -16.12 -15.11
CA LYS H 55 16.68 -15.99 -15.22
C LYS H 55 16.06 -17.12 -16.05
N GLY H 56 16.79 -18.21 -16.23
CA GLY H 56 16.31 -19.32 -17.04
C GLY H 56 16.63 -19.24 -18.52
N ALA H 57 17.43 -18.26 -18.93
CA ALA H 57 17.75 -18.10 -20.34
C ALA H 57 18.64 -19.23 -20.82
N ALA H 58 18.57 -19.52 -22.12
CA ALA H 58 19.46 -20.51 -22.71
C ALA H 58 20.90 -20.00 -22.72
N LEU H 59 21.83 -20.96 -22.75
CA LEU H 59 23.26 -20.67 -22.71
C LEU H 59 23.93 -21.38 -23.87
N ARG H 60 24.90 -20.71 -24.48
CA ARG H 60 25.72 -21.36 -25.47
C ARG H 60 27.04 -21.78 -24.85
N SER H 61 27.59 -22.88 -25.36
CA SER H 61 28.83 -23.46 -24.85
C SER H 61 29.69 -23.83 -26.05
N GLY H 62 30.72 -23.01 -26.32
CA GLY H 62 31.55 -23.20 -27.48
C GLY H 62 30.72 -23.21 -28.76
N GLU H 63 30.42 -24.41 -29.26
CA GLU H 63 29.53 -24.56 -30.41
C GLU H 63 28.10 -24.93 -30.03
N GLY H 64 27.92 -25.65 -28.91
CA GLY H 64 26.61 -26.15 -28.54
C GLY H 64 25.81 -25.16 -27.71
N ARG H 65 24.53 -25.44 -27.57
CA ARG H 65 23.61 -24.62 -26.82
C ARG H 65 22.99 -25.42 -25.69
N LEU H 66 22.89 -24.81 -24.51
CA LEU H 66 22.38 -25.49 -23.32
C LEU H 66 21.00 -24.93 -22.97
N ASP H 67 20.03 -25.81 -22.84
CA ASP H 67 18.70 -25.35 -22.49
C ASP H 67 18.38 -25.64 -21.03
N PRO H 68 17.62 -24.77 -20.38
CA PRO H 68 17.28 -25.01 -18.97
C PRO H 68 16.47 -26.28 -18.84
N TYR H 69 16.74 -27.03 -17.78
CA TYR H 69 16.07 -28.29 -17.53
C TYR H 69 15.20 -28.24 -16.28
N TRP H 70 15.70 -27.62 -15.21
CA TRP H 70 14.96 -27.51 -13.96
C TRP H 70 15.28 -26.17 -13.33
N GLY H 71 14.29 -25.53 -12.71
CA GLY H 71 14.59 -24.31 -11.99
C GLY H 71 13.56 -24.03 -10.94
N ASP H 72 13.97 -23.27 -9.93
CA ASP H 72 13.07 -22.93 -8.82
C ASP H 72 13.46 -21.55 -8.28
N VAL H 73 12.58 -20.56 -8.46
CA VAL H 73 12.91 -19.19 -8.06
C VAL H 73 13.11 -19.10 -6.56
N LYS H 74 12.32 -19.84 -5.77
CA LYS H 74 12.44 -19.71 -4.31
C LYS H 74 13.74 -20.30 -3.81
N GLN H 75 14.18 -21.42 -4.37
CA GLN H 75 15.54 -21.90 -4.08
C GLN H 75 16.60 -21.03 -4.72
N ASP H 76 16.24 -20.25 -5.73
CA ASP H 76 17.18 -19.45 -6.53
C ASP H 76 18.21 -20.32 -7.25
N LEU H 77 17.76 -21.45 -7.84
CA LEU H 77 18.65 -22.38 -8.51
C LEU H 77 18.08 -22.77 -9.87
N VAL H 78 18.97 -23.16 -10.78
CA VAL H 78 18.58 -23.63 -12.11
C VAL H 78 19.65 -24.63 -12.57
N SER H 79 19.22 -25.66 -13.30
CA SER H 79 20.15 -26.60 -13.90
C SER H 79 19.85 -26.72 -15.39
N TYR H 80 20.87 -27.06 -16.16
CA TYR H 80 20.81 -27.15 -17.61
C TYR H 80 21.24 -28.54 -18.05
N CYS H 81 20.50 -29.12 -19.00
CA CYS H 81 20.82 -30.38 -19.66
C CYS H 81 20.39 -31.59 -18.85
N GLY H 82 20.03 -31.43 -17.59
CA GLY H 82 19.66 -32.55 -16.76
C GLY H 82 19.22 -32.05 -15.40
N PRO H 83 18.75 -32.95 -14.54
CA PRO H 83 18.33 -32.54 -13.19
C PRO H 83 19.54 -32.15 -12.33
N TRP H 84 19.22 -31.44 -11.23
CA TRP H 84 20.24 -31.01 -10.28
C TRP H 84 21.02 -32.21 -9.74
N LYS H 85 22.35 -32.14 -9.84
CA LYS H 85 23.21 -33.30 -9.56
C LYS H 85 24.01 -33.18 -8.27
N LEU H 86 24.07 -31.99 -7.66
CA LEU H 86 24.94 -31.74 -6.52
C LEU H 86 24.14 -32.06 -5.26
N ASP H 87 24.54 -33.11 -4.55
CA ASP H 87 23.81 -33.57 -3.38
C ASP H 87 24.60 -33.49 -2.08
N ALA H 88 25.87 -33.11 -2.12
CA ALA H 88 26.62 -32.99 -0.88
C ALA H 88 26.11 -31.81 -0.07
N ALA H 89 26.21 -31.92 1.26
CA ALA H 89 25.72 -30.88 2.15
C ALA H 89 26.74 -30.62 3.25
N TRP H 90 26.78 -29.37 3.71
CA TRP H 90 27.61 -29.02 4.84
C TRP H 90 27.25 -29.89 6.04
N ASP H 91 28.26 -30.32 6.80
CA ASP H 91 27.98 -31.16 7.96
C ASP H 91 27.63 -30.33 9.20
N GLY H 92 27.69 -29.00 9.13
CA GLY H 92 27.39 -28.15 10.26
C GLY H 92 28.54 -27.93 11.21
N LEU H 93 29.69 -28.57 10.96
CA LEU H 93 30.83 -28.60 11.87
C LEU H 93 32.11 -28.06 11.25
N SER H 94 32.42 -28.46 10.03
CA SER H 94 33.74 -28.33 9.43
C SER H 94 33.89 -27.00 8.69
N GLU H 95 35.14 -26.59 8.49
CA GLU H 95 35.41 -25.46 7.62
C GLU H 95 35.15 -25.85 6.16
N VAL H 96 34.84 -24.83 5.35
CA VAL H 96 34.54 -25.02 3.93
C VAL H 96 35.40 -24.06 3.13
N GLN H 97 35.35 -24.19 1.81
CA GLN H 97 36.06 -23.27 0.94
C GLN H 97 35.12 -22.72 -0.12
N LEU H 98 35.15 -21.42 -0.29
CA LEU H 98 34.51 -20.78 -1.43
C LEU H 98 35.52 -20.73 -2.57
N LEU H 99 35.15 -21.32 -3.71
CA LEU H 99 35.97 -21.20 -4.91
C LEU H 99 35.39 -20.03 -5.72
N ALA H 100 35.84 -18.84 -5.37
CA ALA H 100 35.30 -17.62 -5.96
C ALA H 100 35.90 -17.40 -7.35
N VAL H 101 35.03 -17.03 -8.29
CA VAL H 101 35.47 -16.68 -9.64
C VAL H 101 35.01 -15.25 -9.91
N PRO H 102 35.74 -14.24 -9.44
CA PRO H 102 35.29 -12.86 -9.63
C PRO H 102 35.50 -12.41 -11.08
N PRO H 103 34.69 -11.46 -11.55
CA PRO H 103 34.92 -10.92 -12.91
C PRO H 103 36.36 -10.49 -13.10
N GLY H 104 36.97 -10.91 -14.21
CA GLY H 104 38.30 -10.44 -14.53
C GLY H 104 39.42 -10.90 -13.63
N GLU H 105 39.19 -11.87 -12.76
CA GLU H 105 40.21 -12.38 -11.86
C GLU H 105 40.23 -13.90 -11.90
N ARG H 106 41.39 -14.47 -11.59
CA ARG H 106 41.55 -15.91 -11.53
C ARG H 106 40.72 -16.51 -10.40
N ALA H 107 40.31 -17.77 -10.59
CA ALA H 107 39.60 -18.49 -9.55
C ALA H 107 40.49 -18.68 -8.33
N LYS H 108 39.95 -18.42 -7.15
CA LYS H 108 40.72 -18.47 -5.92
C LYS H 108 39.92 -19.15 -4.81
N ASN H 109 40.61 -19.90 -3.96
CA ASN H 109 39.97 -20.57 -2.83
C ASN H 109 40.14 -19.74 -1.57
N ILE H 110 39.07 -19.62 -0.79
CA ILE H 110 39.11 -18.95 0.49
CA ILE H 110 39.11 -18.95 0.49
C ILE H 110 38.39 -19.82 1.51
N GLN H 111 39.02 -20.04 2.66
CA GLN H 111 38.50 -20.99 3.64
C GLN H 111 37.80 -20.24 4.78
N THR H 112 36.71 -20.82 5.27
CA THR H 112 35.95 -20.16 6.33
C THR H 112 35.15 -21.21 7.09
N LEU H 113 34.75 -20.84 8.31
CA LEU H 113 33.82 -21.65 9.07
C LEU H 113 32.43 -21.04 8.96
N PRO H 114 31.47 -21.70 8.31
CA PRO H 114 30.16 -21.05 8.10
C PRO H 114 29.48 -20.67 9.39
N GLY H 115 28.69 -19.60 9.33
CA GLY H 115 27.64 -19.34 10.30
C GLY H 115 26.36 -20.03 9.89
N ILE H 116 25.24 -19.52 10.41
CA ILE H 116 23.95 -20.20 10.32
C ILE H 116 22.85 -19.18 10.05
N PHE H 117 22.08 -19.42 8.98
CA PHE H 117 20.78 -18.78 8.79
C PHE H 117 19.73 -19.65 9.46
N LYS H 118 19.11 -19.13 10.51
CA LYS H 118 18.05 -19.86 11.21
C LYS H 118 16.71 -19.41 10.66
N THR H 119 15.97 -20.34 10.09
CA THR H 119 14.67 -20.03 9.51
C THR H 119 13.57 -20.86 10.18
N LYS H 120 12.32 -20.53 9.84
CA LYS H 120 11.18 -21.30 10.33
C LYS H 120 11.32 -22.78 9.98
N ASP H 121 11.98 -23.10 8.88
CA ASP H 121 12.03 -24.45 8.35
C ASP H 121 13.34 -25.16 8.63
N GLY H 122 14.26 -24.53 9.37
CA GLY H 122 15.52 -25.17 9.69
C GLY H 122 16.71 -24.25 9.56
N ASP H 123 17.89 -24.75 9.88
CA ASP H 123 19.11 -23.98 9.72
C ASP H 123 19.70 -24.19 8.34
N ILE H 124 20.33 -23.14 7.82
CA ILE H 124 21.07 -23.17 6.56
C ILE H 124 22.46 -22.62 6.82
N GLY H 125 23.47 -23.28 6.26
CA GLY H 125 24.82 -22.75 6.39
C GLY H 125 24.92 -21.39 5.70
N ALA H 126 25.82 -20.55 6.21
CA ALA H 126 26.02 -19.23 5.64
C ALA H 126 27.47 -18.83 5.79
N VAL H 127 28.01 -18.13 4.78
CA VAL H 127 29.41 -17.72 4.80
C VAL H 127 29.48 -16.21 4.76
N ALA H 128 30.28 -15.65 5.68
CA ALA H 128 30.52 -14.20 5.76
C ALA H 128 31.70 -13.84 4.86
N LEU H 129 31.45 -13.91 3.56
CA LEU H 129 32.45 -13.58 2.56
C LEU H 129 31.80 -12.65 1.56
N ASP H 130 32.48 -11.56 1.23
CA ASP H 130 31.93 -10.51 0.38
C ASP H 130 32.76 -10.40 -0.90
N TYR H 131 32.17 -10.80 -2.02
CA TYR H 131 32.84 -10.73 -3.32
C TYR H 131 32.05 -9.89 -4.31
N PRO H 132 32.68 -9.41 -5.37
CA PRO H 132 32.01 -8.48 -6.28
C PRO H 132 30.77 -9.07 -6.91
N ALA H 133 29.90 -8.18 -7.39
CA ALA H 133 28.81 -8.59 -8.26
C ALA H 133 29.37 -9.40 -9.43
N GLY H 134 28.66 -10.45 -9.81
CA GLY H 134 29.14 -11.36 -10.83
C GLY H 134 29.77 -12.63 -10.31
N THR H 135 29.93 -12.76 -8.99
CA THR H 135 30.47 -13.97 -8.38
CA THR H 135 30.47 -13.97 -8.38
C THR H 135 29.39 -14.96 -7.97
N SER H 136 28.11 -14.58 -8.09
CA SER H 136 27.02 -15.50 -7.78
C SER H 136 27.14 -16.78 -8.60
N GLY H 137 26.89 -17.92 -7.96
CA GLY H 137 27.07 -19.21 -8.57
C GLY H 137 28.41 -19.86 -8.26
N SER H 138 29.34 -19.12 -7.64
CA SER H 138 30.61 -19.70 -7.24
C SER H 138 30.39 -20.85 -6.27
N PRO H 139 31.05 -21.99 -6.45
CA PRO H 139 30.80 -23.14 -5.58
C PRO H 139 31.48 -23.05 -4.23
N ILE H 140 30.80 -23.61 -3.24
CA ILE H 140 31.33 -23.79 -1.90
C ILE H 140 31.60 -25.28 -1.72
N LEU H 141 32.77 -25.61 -1.15
CA LEU H 141 33.29 -26.97 -1.15
C LEU H 141 33.52 -27.47 0.27
N ASP H 142 33.31 -28.76 0.47
CA ASP H 142 33.77 -29.41 1.69
C ASP H 142 35.18 -29.96 1.47
N LYS H 143 35.76 -30.47 2.56
CA LYS H 143 37.16 -30.90 2.54
C LYS H 143 37.41 -32.06 1.59
N CYS H 144 36.36 -32.75 1.15
CA CYS H 144 36.52 -33.82 0.17
C CYS H 144 36.45 -33.30 -1.27
N GLY H 145 36.31 -32.00 -1.45
CA GLY H 145 36.21 -31.47 -2.80
C GLY H 145 34.81 -31.47 -3.37
N ARG H 146 33.79 -31.86 -2.61
CA ARG H 146 32.43 -31.92 -3.11
C ARG H 146 31.73 -30.57 -2.99
N VAL H 147 30.91 -30.24 -3.99
CA VAL H 147 30.21 -28.96 -3.96
C VAL H 147 29.02 -29.09 -3.02
N ILE H 148 29.05 -28.35 -1.91
CA ILE H 148 27.94 -28.36 -0.95
C ILE H 148 26.96 -27.23 -1.17
N GLY H 149 27.17 -26.37 -2.15
CA GLY H 149 26.22 -25.31 -2.43
C GLY H 149 26.87 -24.22 -3.24
N LEU H 150 26.05 -23.24 -3.63
CA LEU H 150 26.50 -22.12 -4.43
C LEU H 150 26.38 -20.82 -3.64
N TYR H 151 27.26 -19.88 -3.96
CA TYR H 151 27.40 -18.61 -3.26
C TYR H 151 26.60 -17.52 -3.96
N GLY H 152 25.98 -16.62 -3.18
CA GLY H 152 25.52 -15.41 -3.80
C GLY H 152 24.10 -14.94 -3.55
N ASN H 153 23.30 -15.71 -2.81
CA ASN H 153 21.96 -15.29 -2.38
C ASN H 153 22.02 -15.11 -0.87
N GLY H 154 21.90 -13.87 -0.40
CA GLY H 154 22.12 -13.59 1.00
C GLY H 154 21.45 -12.34 1.52
N VAL H 155 22.04 -11.75 2.57
CA VAL H 155 21.48 -10.60 3.26
C VAL H 155 22.63 -9.67 3.63
N VAL H 156 22.28 -8.41 3.85
CA VAL H 156 23.18 -7.45 4.51
C VAL H 156 22.71 -7.30 5.95
N ILE H 157 23.62 -7.49 6.90
CA ILE H 157 23.26 -7.41 8.31
C ILE H 157 23.44 -5.97 8.80
N LYS H 158 23.19 -5.74 10.09
CA LYS H 158 23.07 -4.37 10.60
C LYS H 158 24.37 -3.59 10.48
N ASN H 159 25.52 -4.26 10.55
CA ASN H 159 26.80 -3.60 10.37
C ASN H 159 27.11 -3.29 8.92
N GLY H 160 26.24 -3.68 7.98
CA GLY H 160 26.49 -3.53 6.58
C GLY H 160 27.29 -4.64 5.94
N SER H 161 27.71 -5.64 6.71
CA SER H 161 28.41 -6.79 6.14
C SER H 161 27.46 -7.66 5.33
N TYR H 162 28.02 -8.36 4.34
CA TYR H 162 27.28 -9.27 3.49
C TYR H 162 27.47 -10.69 3.97
N VAL H 163 26.37 -11.45 4.00
CA VAL H 163 26.47 -12.86 4.37
C VAL H 163 25.62 -13.66 3.38
N SER H 164 26.22 -14.68 2.76
CA SER H 164 25.54 -15.51 1.75
C SER H 164 25.13 -16.85 2.32
N ALA H 165 23.92 -17.28 1.97
CA ALA H 165 23.56 -18.68 2.22
C ALA H 165 24.48 -19.61 1.43
N ILE H 166 24.66 -20.82 1.96
CA ILE H 166 25.18 -21.94 1.19
C ILE H 166 23.96 -22.58 0.54
N THR H 167 23.69 -22.24 -0.72
CA THR H 167 22.45 -22.66 -1.38
C THR H 167 22.67 -23.97 -2.11
N GLN H 168 21.97 -25.02 -1.67
CA GLN H 168 22.10 -26.33 -2.27
C GLN H 168 20.75 -26.82 -2.73
N GLY H 169 20.75 -27.61 -3.81
CA GLY H 169 19.54 -28.22 -4.32
C GLY H 169 19.34 -29.62 -3.81
N LYS H 170 18.61 -30.43 -4.59
CA LYS H 170 18.27 -31.78 -4.21
C LYS H 170 18.34 -32.68 -5.42
N ARG H 171 19.06 -33.80 -5.30
CA ARG H 171 19.15 -34.76 -6.39
C ARG H 171 17.99 -35.75 -6.37
N SER I 1 2.65 -14.50 -6.16
CA SER I 1 1.34 -13.82 -6.25
C SER I 1 1.45 -12.35 -5.87
C10 C0F I 2 -2.66 -11.27 -3.73
C13 C0F I 2 -8.07 -7.47 -5.42
C02 C0F I 2 1.46 -9.36 -5.40
CA C0F I 2 0.13 -10.17 -5.33
C04 C0F I 2 -0.57 -9.81 -4.00
C05 C0F I 2 -2.10 -9.92 -4.01
C06 C0F I 2 -3.04 -8.76 -4.28
C07 C0F I 2 -4.56 -9.01 -4.28
C09 C0F I 2 -4.18 -11.50 -3.72
C11 C0F I 2 -5.69 -8.00 -4.52
C14 C0F I 2 -7.06 -6.17 -5.57
C C0F I 2 -7.47 -5.23 -4.64
N01 C0F I 2 1.78 -8.30 -4.44
N08 C0F I 2 -5.08 -10.37 -4.00
N15 C0F I 2 -5.64 -6.73 -5.36
N C0F I 2 0.23 -11.61 -5.59
O C0F I 2 -8.62 -4.90 -4.58
O59 C0F I 2 2.25 -9.57 -6.24
S12 C0F I 2 -7.13 -8.53 -4.44
H101 C0F I 2 -2.09 -11.99 -3.55
H131 C0F I 2 -8.25 -7.88 -6.29
H132 C0F I 2 -8.90 -7.23 -4.99
HA C0F I 2 -0.42 -9.91 -6.08
H041 C0F I 2 -0.23 -10.40 -3.30
H042 C0F I 2 -0.34 -8.90 -3.77
H061 C0F I 2 -2.70 -7.90 -4.44
H091 C0F I 2 -4.52 -12.35 -3.56
H141 C0F I 2 -7.05 -5.76 -6.46
H011 C0F I 2 1.23 -8.09 -3.82
H012 C0F I 2 2.52 -7.88 -4.51
H C0F I 2 -0.50 -12.06 -5.57
N GLY I 3 -6.51 -4.62 -3.76
CA GLY I 3 -6.97 -3.63 -2.82
C GLY I 3 -7.33 -2.37 -3.62
N LYS I 4 -8.41 -1.53 -3.14
CA LYS I 4 -8.79 -0.36 -3.86
C LYS I 4 -9.34 0.61 -2.83
N ARG I 5 -8.95 1.98 -3.05
CA ARG I 5 -9.42 3.02 -2.19
C ARG I 5 -10.22 3.98 -3.06
N LYS I 6 -11.46 4.50 -2.54
CA LYS I 6 -12.23 5.49 -3.27
C LYS I 6 -11.65 6.88 -2.89
N SER J 1 -5.39 26.61 28.47
CA SER J 1 -5.19 26.32 29.88
C SER J 1 -4.72 27.57 30.64
C10 C0F J 2 -1.80 26.01 32.96
C13 C0F J 2 5.17 25.83 33.87
C02 C0F J 2 -2.57 27.52 28.49
CA C0F J 2 -2.20 27.84 30.00
C04 C0F J 2 -1.45 26.58 30.39
C05 C0F J 2 -0.92 26.31 31.79
C06 C0F J 2 0.56 26.25 31.98
C07 C0F J 2 1.17 25.91 33.33
C09 C0F J 2 -1.18 25.68 34.33
C11 C0F J 2 2.69 25.91 33.36
C14 C0F J 2 4.95 26.30 32.30
C C0F J 2 5.38 25.30 31.46
N01 C0F J 2 -1.99 26.35 27.79
N08 C0F J 2 0.30 25.63 34.50
N15 C0F J 2 3.43 26.49 32.16
N C0F J 2 -3.41 28.17 30.70
O C0F J 2 6.48 24.85 31.57
O59 C0F J 2 -3.42 28.11 27.87
S12 C0F J 2 3.61 25.32 34.42
H101 C0F J 2 -2.72 26.02 32.85
H131 C0F J 2 5.49 26.58 34.41
H132 C0F J 2 5.79 25.09 33.91
HA C0F J 2 -1.64 28.62 30.19
H041 C0F J 2 -2.05 25.85 30.19
H042 C0F J 2 -0.68 26.53 29.80
H061 C0F J 2 1.11 26.41 31.26
H091 C0F J 2 -1.74 25.51 35.06
H141 C0F J 2 5.39 27.15 32.12
H011 C0F J 2 -1.37 25.88 28.18
H012 C0F J 2 -2.26 26.13 27.01
H C0F J 2 -3.34 28.83 31.24
N GLY J 3 4.49 24.80 30.46
CA GLY J 3 4.94 23.73 29.59
C GLY J 3 5.99 24.28 28.63
N LYS J 4 7.08 23.42 28.25
CA LYS J 4 8.05 23.98 27.33
C LYS J 4 8.60 22.85 26.46
N ARG J 5 8.81 23.12 25.06
CA ARG J 5 9.36 22.08 24.23
C ARG J 5 10.70 22.54 23.66
N LYS J 6 11.78 21.60 23.56
CA LYS J 6 13.05 22.00 22.96
C LYS J 6 12.91 21.76 21.43
N SER K 1 6.93 -3.59 3.79
CA SER K 1 7.12 -5.04 3.86
C SER K 1 8.02 -5.53 2.71
C10 C0F K 2 11.61 -6.61 4.82
C13 C0F K 2 18.57 -6.96 5.03
C02 C0F K 2 9.90 -8.09 1.75
CA C0F K 2 10.16 -6.57 1.97
C04 C0F K 2 11.66 -6.37 2.17
C05 C0F K 2 12.33 -6.46 3.53
C06 C0F K 2 13.82 -6.37 3.53
C07 C0F K 2 14.60 -6.44 4.83
C09 C0F K 2 12.40 -6.68 6.14
C11 C0F K 2 16.11 -6.34 4.78
C14 C0F K 2 18.29 -6.44 3.48
C C0F K 2 18.70 -7.40 2.60
N01 C0F K 2 9.68 -8.65 0.41
N08 C0F K 2 13.89 -6.59 6.13
N15 C0F K 2 16.78 -6.20 3.40
N C0F K 2 9.32 -6.11 3.05
O C0F K 2 19.84 -7.66 2.48
O59 C0F K 2 9.87 -8.84 2.68
S12 C0F K 2 17.00 -7.11 5.74
H101 C0F K 2 10.68 -6.67 4.84
H131 C0F K 2 19.02 -7.82 5.02
H132 C0F K 2 19.10 -6.30 5.52
HA C0F K 2 9.93 -6.02 1.21
H041 C0F K 2 12.10 -7.04 1.61
H042 C0F K 2 11.86 -5.48 1.83
H061 C0F K 2 14.27 -6.27 2.73
H091 C0F K 2 11.96 -6.77 6.94
H141 C0F K 2 18.76 -5.60 3.30
H011 C0F K 2 9.69 -8.14 -0.27
H012 C0F K 2 9.54 -9.50 0.33
H C0F K 2 9.57 -6.18 3.88
N GLY K 3 17.73 -8.11 1.77
CA GLY K 3 18.14 -9.13 0.83
C GLY K 3 19.21 -8.59 -0.11
N LYS K 4 20.31 -9.44 -0.50
CA LYS K 4 21.31 -8.91 -1.40
C LYS K 4 21.81 -10.11 -2.18
N ARG K 5 21.95 -9.97 -3.60
CA ARG K 5 22.44 -11.08 -4.41
C ARG K 5 23.67 -10.54 -5.10
N LYS K 6 24.78 -11.41 -5.33
CA LYS K 6 25.95 -10.94 -6.02
C LYS K 6 25.78 -11.28 -7.52
#